data_2YPL
#
_entry.id   2YPL
#
_cell.length_a   56.348
_cell.length_b   75.605
_cell.length_c   241.527
_cell.angle_alpha   90.00
_cell.angle_beta   90.00
_cell.angle_gamma   90.00
#
_symmetry.space_group_name_H-M   'P 21 21 21'
#
loop_
_entity.id
_entity.type
_entity.pdbx_description
1 polymer 'HLA CLASS I HISTOCOMPATIBILITY ANTIGEN, B-57 ALPHA CHAIN'
2 polymer BETA-2-MICROGLOBULIN
3 polymer 'KF11 P24 GAG PEPTIDE'
4 polymer 'AGA T-CELL RECEPTOR ALPHA CHAIN'
5 polymer 'AGA T-CELL RECEPTOR BETA CHAIN'
6 water water
#
loop_
_entity_poly.entity_id
_entity_poly.type
_entity_poly.pdbx_seq_one_letter_code
_entity_poly.pdbx_strand_id
1 'polypeptide(L)'
;GSHSMRYFYTAMSRPGRGEPRFIAVGYVDDTQFVRFDSDAASPRMAPRAPWIEQEGPEYWDGETRNMKASAQTYRENLRI
ALRYYNQSEAGSHIIQVMYGCDVGPDGRLLRGHDQYAYDGKDYIALNEDLSSWTAADTAAQIIQRKWEAARVAEQLRAYL
EGLCVEWLRRYLENGKETLQRADPPKTHVTHHPISDHEATLRCWALGFYPAEITLTWQRDGEDQTQDTELVETRPAGDRT
FQKWAAVVVPSGEEQRYTCHVQHEGLPKPLTLRW
;
A
2 'polypeptide(L)'
;IQRTPKIQVYSRHPAENGKSNFLNCYVSGFHPSDIEVDLLKNGERIEKVEHSDLSFSKDWSFYLLYYTEFTPTEKDEYAC
RVNHVTLSQPKIVKWDRDM
;
B
3 'polypeptide(L)' KAFSPEVIPMF C
4 'polypeptide(L)'
;EDVEQSLFLSVREGDSSVINCTYTDSSSTYLYWYKQEPGAGLQLLTYIFSNMDMKQDQRLTVLLNKKDKHLSLRIADTQT
GDSAIYFCAVSGGYQKVTFGIGTKLQVIPNIQNPDPAVYQLRDSKSSDKSVCLFTDFDSQTNVSQSKDSDVYITDKCVLD
MRSMDFKSNSAVAWSNKSDFACANAFNNSIIPEDTFFPS
;
D
5 'polypeptide(L)'
;GITQSPKYLFRKEGQNVTLSCEQNLNHDAMYWYRQDPGQGLRLIYYSQIVNDFQKGDIAEGYSVSREKKESFPLTVTSAQ
KNPTAFYLCASTGSYGYTFGSGTRLTVTEDLKNVFPPEVAVFEPSEAEISHTQKATLVCLATGFYPDHVELSWWVNGKEV
HSGVCTDPQPLKEQPALNDSRYSLSSRLRVSATFWQNPRNHFRCQVQFTGSRRMTSGPRIGPKPVTQIVSAEAWGRAD
;
E
#
# COMPACT_ATOMS: atom_id res chain seq x y z
N GLY A 1 16.40 -21.05 -21.15
CA GLY A 1 14.96 -20.77 -20.87
C GLY A 1 14.26 -21.87 -20.08
N SER A 2 14.97 -22.46 -19.14
CA SER A 2 14.52 -23.65 -18.45
C SER A 2 13.15 -23.51 -17.78
N HIS A 3 12.90 -22.43 -17.03
CA HIS A 3 11.77 -22.45 -16.09
C HIS A 3 10.85 -21.26 -16.04
N SER A 4 9.68 -21.48 -15.42
CA SER A 4 8.68 -20.44 -15.31
C SER A 4 7.85 -20.58 -14.03
N MET A 5 7.33 -19.45 -13.57
CA MET A 5 6.29 -19.47 -12.53
C MET A 5 5.10 -18.72 -13.04
N ARG A 6 3.92 -19.23 -12.72
CA ARG A 6 2.67 -18.68 -13.23
C ARG A 6 1.55 -18.68 -12.20
N TYR A 7 0.82 -17.55 -12.09
CA TYR A 7 -0.44 -17.52 -11.36
C TYR A 7 -1.61 -17.15 -12.27
N PHE A 8 -2.73 -17.84 -12.06
CA PHE A 8 -3.94 -17.63 -12.83
C PHE A 8 -5.08 -17.33 -11.90
N TYR A 9 -5.81 -16.23 -12.16
CA TYR A 9 -7.03 -15.89 -11.42
C TYR A 9 -8.27 -15.95 -12.32
N THR A 10 -9.33 -16.55 -11.78
CA THR A 10 -10.62 -16.54 -12.45
C THR A 10 -11.68 -15.93 -11.52
N ALA A 11 -12.27 -14.84 -11.98
CA ALA A 11 -13.33 -14.16 -11.24
C ALA A 11 -14.64 -14.21 -12.02
N MET A 12 -15.62 -14.91 -11.45
CA MET A 12 -16.88 -15.22 -12.12
C MET A 12 -18.08 -14.63 -11.37
N SER A 13 -18.64 -13.53 -11.89
CA SER A 13 -19.88 -12.99 -11.33
C SER A 13 -21.03 -13.92 -11.64
N ARG A 14 -21.97 -14.03 -10.71
CA ARG A 14 -23.10 -14.94 -10.86
C ARG A 14 -24.38 -14.34 -10.25
N PRO A 15 -24.87 -13.22 -10.80
CA PRO A 15 -25.98 -12.50 -10.17
C PRO A 15 -27.17 -13.43 -9.99
N GLY A 16 -27.78 -13.38 -8.80
CA GLY A 16 -28.81 -14.34 -8.43
C GLY A 16 -28.25 -15.32 -7.43
N ARG A 17 -27.22 -16.06 -7.82
CA ARG A 17 -26.43 -16.87 -6.91
C ARG A 17 -25.65 -15.93 -5.96
N GLY A 18 -24.65 -16.45 -5.25
CA GLY A 18 -23.92 -15.66 -4.25
C GLY A 18 -23.08 -14.52 -4.82
N GLU A 19 -22.06 -14.12 -4.05
CA GLU A 19 -21.07 -13.17 -4.55
C GLU A 19 -20.21 -13.84 -5.62
N PRO A 20 -19.51 -13.06 -6.45
CA PRO A 20 -18.71 -13.65 -7.52
C PRO A 20 -17.66 -14.61 -6.98
N ARG A 21 -17.52 -15.77 -7.64
CA ARG A 21 -16.53 -16.76 -7.22
C ARG A 21 -15.15 -16.33 -7.68
N PHE A 22 -14.17 -16.51 -6.79
CA PHE A 22 -12.78 -16.20 -7.11
C PHE A 22 -11.91 -17.43 -6.86
N ILE A 23 -11.23 -17.87 -7.93
CA ILE A 23 -10.33 -19.02 -7.92
C ILE A 23 -8.92 -18.65 -8.42
N ALA A 24 -7.92 -18.99 -7.61
CA ALA A 24 -6.54 -18.77 -7.99
C ALA A 24 -5.76 -20.06 -7.95
N VAL A 25 -4.83 -20.18 -8.87
CA VAL A 25 -4.05 -21.38 -9.00
C VAL A 25 -2.64 -20.95 -9.40
N GLY A 26 -1.64 -21.64 -8.86
CA GLY A 26 -0.25 -21.33 -9.13
C GLY A 26 0.53 -22.53 -9.62
N TYR A 27 1.48 -22.28 -10.55
CA TYR A 27 2.27 -23.30 -11.22
C TYR A 27 3.73 -22.94 -11.19
N VAL A 28 4.57 -23.97 -11.09
CA VAL A 28 5.96 -23.87 -11.50
C VAL A 28 6.15 -24.82 -12.67
N ASP A 29 6.61 -24.29 -13.80
CA ASP A 29 6.65 -25.08 -15.05
C ASP A 29 5.27 -25.71 -15.26
N ASP A 30 5.21 -27.03 -15.43
CA ASP A 30 3.94 -27.73 -15.64
C ASP A 30 3.41 -28.40 -14.38
N THR A 31 3.79 -27.88 -13.22
CA THR A 31 3.38 -28.44 -11.96
C THR A 31 2.58 -27.43 -11.15
N GLN A 32 1.33 -27.78 -10.85
CA GLN A 32 0.49 -26.98 -9.97
C GLN A 32 0.95 -27.20 -8.53
N PHE A 33 1.19 -26.11 -7.81
CA PHE A 33 1.68 -26.23 -6.43
C PHE A 33 0.78 -25.58 -5.37
N VAL A 34 -0.26 -24.89 -5.82
CA VAL A 34 -1.05 -24.00 -4.95
C VAL A 34 -2.45 -23.69 -5.54
N ARG A 35 -3.39 -23.39 -4.65
CA ARG A 35 -4.81 -23.47 -4.94
C ARG A 35 -5.57 -22.56 -3.96
N PHE A 36 -6.52 -21.79 -4.48
CA PHE A 36 -7.42 -20.98 -3.66
C PHE A 36 -8.78 -20.90 -4.32
N ASP A 37 -9.82 -21.13 -3.51
CA ASP A 37 -11.20 -21.11 -3.98
C ASP A 37 -12.07 -20.38 -2.96
N SER A 38 -12.58 -19.21 -3.37
CA SER A 38 -13.43 -18.38 -2.50
C SER A 38 -14.76 -19.05 -2.11
N ASP A 39 -15.04 -20.22 -2.67
CA ASP A 39 -16.27 -20.94 -2.33
C ASP A 39 -16.15 -21.92 -1.17
N ALA A 40 -14.91 -22.30 -0.83
CA ALA A 40 -14.65 -23.28 0.22
C ALA A 40 -15.18 -22.83 1.59
N ALA A 41 -15.25 -23.77 2.54
CA ALA A 41 -15.77 -23.49 3.89
C ALA A 41 -15.06 -22.27 4.49
N SER A 42 -13.75 -22.41 4.66
CA SER A 42 -12.88 -21.30 4.99
C SER A 42 -11.83 -21.20 3.89
N PRO A 43 -11.95 -20.18 3.03
CA PRO A 43 -11.03 -19.98 1.91
C PRO A 43 -9.58 -19.80 2.38
N ARG A 44 -8.70 -20.69 1.91
CA ARG A 44 -7.26 -20.58 2.19
C ARG A 44 -6.42 -20.98 0.97
N MET A 45 -5.30 -20.28 0.77
CA MET A 45 -4.29 -20.76 -0.13
C MET A 45 -3.80 -22.09 0.46
N ALA A 46 -3.83 -23.14 -0.36
CA ALA A 46 -3.60 -24.51 0.08
C ALA A 46 -2.60 -25.19 -0.85
N PRO A 47 -1.76 -26.11 -0.32
CA PRO A 47 -0.71 -26.75 -1.14
C PRO A 47 -1.28 -27.70 -2.16
N ARG A 48 -0.59 -27.87 -3.28
CA ARG A 48 -0.94 -28.92 -4.23
C ARG A 48 0.27 -29.71 -4.73
N ALA A 49 1.41 -29.51 -4.08
CA ALA A 49 2.64 -30.24 -4.42
C ALA A 49 3.48 -30.44 -3.18
N PRO A 50 4.09 -31.64 -3.03
CA PRO A 50 4.82 -31.97 -1.77
C PRO A 50 5.77 -30.88 -1.27
N TRP A 51 6.55 -30.31 -2.19
CA TRP A 51 7.64 -29.41 -1.83
C TRP A 51 7.26 -28.02 -1.34
N ILE A 52 5.99 -27.63 -1.50
CA ILE A 52 5.55 -26.33 -0.99
C ILE A 52 5.06 -26.45 0.46
N GLU A 53 4.73 -27.66 0.89
CA GLU A 53 4.24 -27.88 2.24
C GLU A 53 5.22 -27.41 3.31
N GLN A 54 6.51 -27.35 2.97
CA GLN A 54 7.53 -26.92 3.93
C GLN A 54 7.54 -25.42 4.25
N GLU A 55 6.79 -24.62 3.49
CA GLU A 55 6.66 -23.21 3.84
C GLU A 55 5.89 -23.12 5.14
N GLY A 56 6.31 -22.21 6.02
CA GLY A 56 5.72 -22.08 7.35
C GLY A 56 4.38 -21.37 7.34
N PRO A 57 3.75 -21.24 8.53
CA PRO A 57 2.40 -20.72 8.71
C PRO A 57 2.21 -19.30 8.18
N GLU A 58 3.26 -18.48 8.27
CA GLU A 58 3.16 -17.08 7.84
C GLU A 58 3.18 -16.91 6.32
N TYR A 59 3.75 -17.89 5.61
CA TYR A 59 3.62 -17.95 4.17
C TYR A 59 2.14 -18.15 3.83
N TRP A 60 1.53 -19.16 4.46
CA TRP A 60 0.15 -19.52 4.20
C TRP A 60 -0.84 -18.43 4.60
N ASP A 61 -0.57 -17.74 5.71
CA ASP A 61 -1.39 -16.62 6.14
C ASP A 61 -1.31 -15.46 5.16
N GLY A 62 -0.08 -15.10 4.78
CA GLY A 62 0.16 -13.99 3.86
C GLY A 62 -0.49 -14.22 2.51
N GLU A 63 -0.39 -15.44 2.01
CA GLU A 63 -0.97 -15.81 0.72
C GLU A 63 -2.49 -15.81 0.77
N THR A 64 -3.03 -16.28 1.90
CA THR A 64 -4.47 -16.25 2.16
C THR A 64 -5.02 -14.83 2.20
N ARG A 65 -4.38 -13.95 2.97
CA ARG A 65 -4.82 -12.55 3.05
C ARG A 65 -4.79 -11.86 1.69
N ASN A 66 -3.78 -12.20 0.87
CA ASN A 66 -3.64 -11.65 -0.47
C ASN A 66 -4.81 -12.09 -1.36
N MET A 67 -5.14 -13.36 -1.31
CA MET A 67 -6.22 -13.93 -2.14
C MET A 67 -7.59 -13.40 -1.76
N LYS A 68 -7.87 -13.33 -0.45
CA LYS A 68 -9.10 -12.69 0.03
C LYS A 68 -9.19 -11.25 -0.50
N ALA A 69 -8.07 -10.53 -0.44
CA ALA A 69 -8.05 -9.14 -0.88
C ALA A 69 -8.10 -9.03 -2.41
N SER A 70 -7.56 -10.05 -3.09
CA SER A 70 -7.54 -10.05 -4.55
C SER A 70 -8.93 -10.36 -5.04
N ALA A 71 -9.64 -11.21 -4.30
CA ALA A 71 -11.05 -11.49 -4.56
C ALA A 71 -11.80 -10.19 -4.62
N GLN A 72 -11.65 -9.36 -3.57
CA GLN A 72 -12.38 -8.09 -3.48
C GLN A 72 -12.05 -7.22 -4.68
N THR A 73 -10.76 -7.16 -5.04
CA THR A 73 -10.33 -6.36 -6.19
C THR A 73 -11.09 -6.75 -7.47
N TYR A 74 -11.12 -8.05 -7.79
CA TYR A 74 -11.75 -8.49 -9.02
C TYR A 74 -13.29 -8.48 -8.98
N ARG A 75 -13.82 -8.60 -7.76
CA ARG A 75 -15.24 -8.51 -7.50
C ARG A 75 -15.70 -7.11 -7.92
N GLU A 76 -14.92 -6.10 -7.54
CA GLU A 76 -15.18 -4.72 -7.94
C GLU A 76 -14.88 -4.45 -9.42
N ASN A 77 -13.83 -5.07 -9.95
CA ASN A 77 -13.45 -4.91 -11.36
C ASN A 77 -14.52 -5.44 -12.32
N LEU A 78 -15.28 -6.43 -11.87
CA LEU A 78 -16.40 -6.96 -12.62
C LEU A 78 -17.48 -5.88 -12.78
N ARG A 79 -17.81 -5.20 -11.68
CA ARG A 79 -18.78 -4.11 -11.67
C ARG A 79 -18.33 -2.95 -12.56
N ILE A 80 -17.04 -2.64 -12.55
CA ILE A 80 -16.55 -1.57 -13.43
C ILE A 80 -16.70 -1.99 -14.89
N ALA A 81 -16.28 -3.20 -15.21
CA ALA A 81 -16.41 -3.72 -16.57
C ALA A 81 -17.87 -3.70 -17.04
N LEU A 82 -18.76 -4.09 -16.14
CA LEU A 82 -20.19 -4.07 -16.38
C LEU A 82 -20.64 -2.69 -16.86
N ARG A 83 -20.13 -1.64 -16.21
CA ARG A 83 -20.44 -0.27 -16.58
C ARG A 83 -19.77 0.18 -17.89
N TYR A 84 -18.48 -0.12 -18.07
CA TYR A 84 -17.77 0.32 -19.28
C TYR A 84 -18.41 -0.23 -20.55
N TYR A 85 -18.95 -1.44 -20.45
CA TYR A 85 -19.56 -2.14 -21.57
C TYR A 85 -21.09 -2.06 -21.58
N ASN A 86 -21.68 -1.40 -20.59
CA ASN A 86 -23.14 -1.23 -20.50
C ASN A 86 -23.92 -2.53 -20.51
N GLN A 87 -23.58 -3.45 -19.61
CA GLN A 87 -24.23 -4.75 -19.61
C GLN A 87 -25.23 -4.89 -18.47
N SER A 88 -26.17 -5.81 -18.65
CA SER A 88 -27.20 -6.08 -17.66
C SER A 88 -26.57 -6.67 -16.42
N GLU A 89 -27.02 -6.21 -15.26
CA GLU A 89 -26.57 -6.73 -13.98
C GLU A 89 -27.13 -8.14 -13.70
N ALA A 90 -27.86 -8.70 -14.65
CA ALA A 90 -28.39 -10.05 -14.55
C ALA A 90 -27.46 -11.08 -15.20
N GLY A 91 -26.60 -10.61 -16.11
CA GLY A 91 -25.68 -11.49 -16.83
C GLY A 91 -24.49 -11.90 -16.00
N SER A 92 -23.99 -13.11 -16.26
CA SER A 92 -22.79 -13.63 -15.60
C SER A 92 -21.56 -13.35 -16.45
N HIS A 93 -20.53 -12.79 -15.84
CA HIS A 93 -19.30 -12.45 -16.55
C HIS A 93 -18.04 -12.96 -15.85
N ILE A 94 -16.94 -13.03 -16.62
CA ILE A 94 -15.71 -13.61 -16.13
C ILE A 94 -14.51 -12.69 -16.42
N ILE A 95 -13.74 -12.39 -15.37
CA ILE A 95 -12.42 -11.80 -15.56
C ILE A 95 -11.33 -12.83 -15.31
N GLN A 96 -10.36 -12.89 -16.21
CA GLN A 96 -9.22 -13.78 -15.99
C GLN A 96 -7.92 -13.01 -15.91
N VAL A 97 -6.99 -13.51 -15.10
CA VAL A 97 -5.71 -12.84 -14.88
C VAL A 97 -4.58 -13.85 -14.94
N MET A 98 -3.50 -13.46 -15.60
CA MET A 98 -2.33 -14.31 -15.70
C MET A 98 -1.15 -13.42 -15.36
N TYR A 99 -0.18 -13.98 -14.63
CA TYR A 99 1.11 -13.31 -14.48
C TYR A 99 2.15 -14.29 -14.05
N GLY A 100 3.41 -13.91 -14.21
CA GLY A 100 4.50 -14.80 -13.87
C GLY A 100 5.79 -14.43 -14.57
N CYS A 101 6.84 -15.18 -14.26
CA CYS A 101 8.14 -14.88 -14.80
C CYS A 101 8.70 -16.08 -15.57
N ASP A 102 9.56 -15.80 -16.55
CA ASP A 102 10.35 -16.83 -17.24
C ASP A 102 11.82 -16.64 -16.86
N VAL A 103 12.49 -17.72 -16.50
CA VAL A 103 13.94 -17.64 -16.25
C VAL A 103 14.74 -18.62 -17.11
N GLY A 104 15.95 -18.22 -17.47
CA GLY A 104 16.90 -19.10 -18.16
C GLY A 104 17.53 -20.12 -17.23
N PRO A 105 18.40 -21.00 -17.76
CA PRO A 105 19.01 -22.05 -16.93
C PRO A 105 19.81 -21.46 -15.77
N ASP A 106 20.30 -20.23 -15.97
CA ASP A 106 21.07 -19.49 -14.97
C ASP A 106 20.24 -18.98 -13.79
N GLY A 107 18.91 -19.04 -13.91
CA GLY A 107 18.02 -18.49 -12.89
C GLY A 107 17.67 -17.03 -13.11
N ARG A 108 18.18 -16.44 -14.18
CA ARG A 108 17.98 -15.01 -14.50
C ARG A 108 16.72 -14.79 -15.32
N LEU A 109 16.06 -13.66 -15.08
CA LEU A 109 14.82 -13.31 -15.75
C LEU A 109 15.03 -13.26 -17.27
N LEU A 110 14.13 -13.90 -18.01
CA LEU A 110 14.09 -13.76 -19.47
C LEU A 110 13.02 -12.74 -19.85
N ARG A 111 11.86 -12.86 -19.21
CA ARG A 111 10.76 -11.92 -19.34
C ARG A 111 9.69 -12.16 -18.28
N GLY A 112 8.84 -11.16 -18.07
CA GLY A 112 7.68 -11.25 -17.18
C GLY A 112 6.38 -11.15 -17.96
N HIS A 113 5.26 -11.41 -17.29
CA HIS A 113 3.96 -11.48 -17.93
C HIS A 113 2.90 -10.95 -16.99
N ASP A 114 1.91 -10.25 -17.56
CA ASP A 114 0.71 -9.89 -16.83
C ASP A 114 -0.37 -9.49 -17.82
N GLN A 115 -1.34 -10.37 -18.01
CA GLN A 115 -2.43 -10.15 -18.97
C GLN A 115 -3.75 -10.33 -18.25
N TYR A 116 -4.75 -9.56 -18.69
CA TYR A 116 -6.09 -9.64 -18.15
C TYR A 116 -7.09 -9.86 -19.29
N ALA A 117 -8.11 -10.67 -19.02
CA ALA A 117 -9.16 -10.93 -19.99
C ALA A 117 -10.52 -10.62 -19.40
N TYR A 118 -11.48 -10.32 -20.28
CA TYR A 118 -12.88 -10.15 -19.89
C TYR A 118 -13.74 -10.98 -20.83
N ASP A 119 -14.55 -11.86 -20.26
CA ASP A 119 -15.40 -12.77 -21.02
C ASP A 119 -14.64 -13.51 -22.14
N GLY A 120 -13.42 -13.94 -21.84
CA GLY A 120 -12.67 -14.81 -22.75
C GLY A 120 -11.82 -14.12 -23.79
N LYS A 121 -11.87 -12.79 -23.81
CA LYS A 121 -11.13 -11.99 -24.80
C LYS A 121 -10.12 -11.12 -24.09
N ASP A 122 -8.96 -10.92 -24.72
CA ASP A 122 -7.96 -9.96 -24.27
C ASP A 122 -8.60 -8.67 -23.82
N TYR A 123 -8.07 -8.12 -22.73
CA TYR A 123 -8.54 -6.83 -22.20
C TYR A 123 -7.37 -5.85 -22.14
N ILE A 124 -6.45 -6.08 -21.22
CA ILE A 124 -5.24 -5.29 -21.19
C ILE A 124 -4.07 -6.20 -20.87
N ALA A 125 -2.91 -5.80 -21.35
CA ALA A 125 -1.72 -6.57 -21.14
C ALA A 125 -0.52 -5.66 -20.86
N LEU A 126 0.29 -6.04 -19.89
CA LEU A 126 1.58 -5.39 -19.64
C LEU A 126 2.49 -5.71 -20.82
N ASN A 127 3.16 -4.71 -21.37
CA ASN A 127 4.09 -4.98 -22.46
C ASN A 127 5.33 -5.69 -21.92
N GLU A 128 6.08 -6.31 -22.81
CA GLU A 128 7.28 -7.04 -22.43
C GLU A 128 8.32 -6.14 -21.75
N ASP A 129 8.22 -4.82 -21.91
CA ASP A 129 9.16 -3.88 -21.27
C ASP A 129 8.83 -3.56 -19.80
N LEU A 130 7.71 -4.11 -19.33
CA LEU A 130 7.24 -3.99 -17.95
C LEU A 130 7.07 -2.52 -17.52
N SER A 131 6.82 -1.64 -18.49
CA SER A 131 6.76 -0.19 -18.29
C SER A 131 5.52 0.43 -18.92
N SER A 132 4.89 -0.33 -19.82
CA SER A 132 3.79 0.17 -20.65
C SER A 132 2.72 -0.89 -20.84
N TRP A 133 1.54 -0.46 -21.31
CA TRP A 133 0.37 -1.30 -21.46
C TRP A 133 -0.16 -1.31 -22.92
N THR A 134 -0.81 -2.41 -23.29
CA THR A 134 -1.53 -2.50 -24.57
C THR A 134 -2.97 -2.83 -24.25
N ALA A 135 -3.86 -1.90 -24.56
CA ALA A 135 -5.31 -2.11 -24.41
C ALA A 135 -5.88 -2.79 -25.65
N ALA A 136 -6.82 -3.71 -25.45
CA ALA A 136 -7.45 -4.46 -26.53
C ALA A 136 -8.62 -3.69 -27.16
N ASP A 137 -9.14 -2.73 -26.42
CA ASP A 137 -10.29 -1.94 -26.88
C ASP A 137 -10.37 -0.61 -26.16
N THR A 138 -11.41 0.14 -26.47
CA THR A 138 -11.59 1.49 -25.98
C THR A 138 -11.98 1.53 -24.51
N ALA A 139 -12.56 0.43 -24.02
CA ALA A 139 -12.89 0.32 -22.60
C ALA A 139 -11.61 0.09 -21.80
N ALA A 140 -10.81 -0.89 -22.22
CA ALA A 140 -9.48 -1.10 -21.65
C ALA A 140 -8.58 0.16 -21.74
N GLN A 141 -8.83 1.01 -22.74
CA GLN A 141 -8.07 2.26 -22.88
C GLN A 141 -8.21 3.19 -21.69
N ILE A 142 -9.39 3.19 -21.06
CA ILE A 142 -9.59 4.01 -19.87
C ILE A 142 -8.72 3.46 -18.74
N ILE A 143 -8.74 2.14 -18.56
CA ILE A 143 -7.88 1.45 -17.57
C ILE A 143 -6.43 1.83 -17.78
N GLN A 144 -5.96 1.73 -19.02
CA GLN A 144 -4.57 2.08 -19.35
C GLN A 144 -4.20 3.46 -18.86
N ARG A 145 -5.05 4.44 -19.13
CA ARG A 145 -4.87 5.79 -18.61
C ARG A 145 -4.91 5.90 -17.08
N LYS A 146 -5.80 5.14 -16.43
CA LYS A 146 -5.85 5.08 -14.98
C LYS A 146 -4.52 4.48 -14.47
N TRP A 147 -4.14 3.34 -15.04
CA TRP A 147 -2.96 2.61 -14.59
C TRP A 147 -1.68 3.36 -14.89
N GLU A 148 -1.66 4.09 -16.01
CA GLU A 148 -0.55 4.97 -16.32
C GLU A 148 -0.39 6.07 -15.25
N ALA A 149 -1.50 6.73 -14.94
CA ALA A 149 -1.50 7.83 -13.97
C ALA A 149 -1.18 7.36 -12.55
N ALA A 150 -1.71 6.19 -12.17
CA ALA A 150 -1.42 5.61 -10.87
C ALA A 150 -0.09 4.81 -10.86
N ARG A 151 0.56 4.70 -12.02
CA ARG A 151 1.89 4.05 -12.16
C ARG A 151 1.91 2.60 -11.67
N VAL A 152 0.80 1.92 -11.90
CA VAL A 152 0.56 0.52 -11.54
C VAL A 152 1.63 -0.45 -12.10
N ALA A 153 2.32 -0.05 -13.16
CA ALA A 153 3.34 -0.91 -13.76
C ALA A 153 4.56 -1.07 -12.83
N GLU A 154 4.89 -0.03 -12.07
CA GLU A 154 6.10 -0.01 -11.24
C GLU A 154 6.18 -1.21 -10.30
N GLN A 155 5.12 -1.39 -9.51
CA GLN A 155 4.97 -2.52 -8.59
C GLN A 155 5.02 -3.90 -9.27
N LEU A 156 4.38 -4.02 -10.45
CA LEU A 156 4.36 -5.28 -11.21
C LEU A 156 5.76 -5.67 -11.68
N ARG A 157 6.47 -4.67 -12.21
CA ARG A 157 7.83 -4.82 -12.68
C ARG A 157 8.74 -5.25 -11.52
N ALA A 158 8.54 -4.64 -10.35
CA ALA A 158 9.28 -5.00 -9.13
C ALA A 158 9.00 -6.44 -8.74
N TYR A 159 7.72 -6.83 -8.71
CA TYR A 159 7.40 -8.21 -8.40
C TYR A 159 8.09 -9.19 -9.35
N LEU A 160 7.82 -9.03 -10.64
CA LEU A 160 8.32 -9.91 -11.71
C LEU A 160 9.85 -9.99 -11.82
N GLU A 161 10.53 -8.88 -11.59
CA GLU A 161 12.00 -8.83 -11.68
C GLU A 161 12.64 -9.41 -10.43
N GLY A 162 11.92 -9.37 -9.31
CA GLY A 162 12.47 -9.67 -7.99
C GLY A 162 11.91 -10.89 -7.29
N LEU A 163 10.83 -10.69 -6.55
CA LEU A 163 10.18 -11.74 -5.80
C LEU A 163 9.80 -12.94 -6.66
N CYS A 164 9.28 -12.69 -7.86
CA CYS A 164 8.90 -13.78 -8.76
C CYS A 164 10.09 -14.68 -9.10
N VAL A 165 11.19 -14.04 -9.47
CA VAL A 165 12.42 -14.73 -9.76
C VAL A 165 12.94 -15.48 -8.53
N GLU A 166 13.01 -14.79 -7.38
CA GLU A 166 13.62 -15.39 -6.18
C GLU A 166 12.82 -16.55 -5.58
N TRP A 167 11.50 -16.42 -5.48
CA TRP A 167 10.67 -17.53 -5.01
C TRP A 167 10.68 -18.74 -5.96
N LEU A 168 10.68 -18.47 -7.26
CA LEU A 168 10.84 -19.54 -8.23
C LEU A 168 12.17 -20.28 -8.03
N ARG A 169 13.27 -19.55 -7.87
CA ARG A 169 14.58 -20.19 -7.58
C ARG A 169 14.51 -21.05 -6.30
N ARG A 170 13.87 -20.51 -5.26
CA ARG A 170 13.68 -21.24 -4.01
C ARG A 170 12.90 -22.54 -4.26
N TYR A 171 11.76 -22.43 -4.95
CA TYR A 171 10.89 -23.56 -5.25
C TYR A 171 11.62 -24.63 -6.07
N LEU A 172 12.38 -24.20 -7.08
CA LEU A 172 13.12 -25.15 -7.92
C LEU A 172 14.18 -25.91 -7.09
N GLU A 173 14.74 -25.26 -6.07
CA GLU A 173 15.68 -25.90 -5.17
C GLU A 173 14.96 -26.88 -4.24
N ASN A 174 13.90 -26.43 -3.57
CA ASN A 174 13.17 -27.31 -2.67
C ASN A 174 12.57 -28.52 -3.37
N GLY A 175 12.02 -28.32 -4.57
CA GLY A 175 11.36 -29.39 -5.32
C GLY A 175 12.24 -30.07 -6.37
N LYS A 176 13.55 -29.87 -6.27
CA LYS A 176 14.49 -30.34 -7.31
C LYS A 176 14.29 -31.80 -7.70
N GLU A 177 14.14 -32.67 -6.70
CA GLU A 177 13.88 -34.09 -6.92
C GLU A 177 12.78 -34.34 -7.96
N THR A 178 11.72 -33.54 -7.93
CA THR A 178 10.62 -33.70 -8.90
C THR A 178 10.64 -32.67 -10.06
N LEU A 179 10.90 -31.41 -9.74
CA LEU A 179 10.85 -30.33 -10.73
C LEU A 179 12.02 -30.34 -11.72
N GLN A 180 13.18 -30.84 -11.29
CA GLN A 180 14.39 -30.75 -12.11
C GLN A 180 14.92 -32.10 -12.61
N ARG A 181 14.10 -33.14 -12.48
CA ARG A 181 14.42 -34.44 -13.01
C ARG A 181 13.31 -34.78 -13.99
N ALA A 182 13.60 -34.64 -15.29
CA ALA A 182 12.60 -34.93 -16.34
C ALA A 182 12.30 -36.42 -16.43
N ASP A 183 11.01 -36.77 -16.42
CA ASP A 183 10.59 -38.17 -16.53
C ASP A 183 10.35 -38.49 -18.00
N PRO A 184 11.21 -39.34 -18.60
CA PRO A 184 11.05 -39.68 -20.02
C PRO A 184 9.77 -40.47 -20.21
N PRO A 185 9.14 -40.39 -21.40
CA PRO A 185 7.93 -41.17 -21.62
C PRO A 185 8.21 -42.68 -21.64
N LYS A 186 7.20 -43.45 -21.23
CA LYS A 186 7.20 -44.89 -21.51
C LYS A 186 6.47 -45.07 -22.82
N THR A 187 7.13 -45.71 -23.76
CA THR A 187 6.63 -45.78 -25.12
C THR A 187 6.39 -47.21 -25.54
N HIS A 188 5.24 -47.45 -26.17
CA HIS A 188 4.95 -48.70 -26.85
C HIS A 188 4.10 -48.40 -28.08
N VAL A 189 4.02 -49.36 -29.00
CA VAL A 189 3.25 -49.25 -30.23
C VAL A 189 2.16 -50.32 -30.20
N THR A 190 0.92 -49.92 -30.51
CA THR A 190 -0.17 -50.90 -30.56
C THR A 190 -0.75 -51.06 -31.95
N HIS A 191 -1.31 -52.25 -32.19
CA HIS A 191 -1.84 -52.67 -33.48
C HIS A 191 -3.35 -52.88 -33.39
N HIS A 192 -4.11 -52.14 -34.21
CA HIS A 192 -5.57 -52.28 -34.24
C HIS A 192 -6.10 -52.47 -35.67
N PRO A 193 -6.40 -53.73 -36.05
CA PRO A 193 -6.91 -54.05 -37.38
C PRO A 193 -8.27 -53.41 -37.60
N ILE A 194 -8.40 -52.69 -38.71
CA ILE A 194 -9.65 -52.00 -39.03
C ILE A 194 -10.39 -52.70 -40.16
N SER A 195 -9.68 -53.54 -40.92
CA SER A 195 -10.28 -54.41 -41.94
C SER A 195 -9.34 -55.58 -42.25
N ASP A 196 -9.37 -56.03 -43.50
CA ASP A 196 -8.45 -57.05 -44.00
C ASP A 196 -7.16 -56.42 -44.51
N HIS A 197 -7.30 -55.27 -45.15
CA HIS A 197 -6.20 -54.57 -45.79
C HIS A 197 -5.46 -53.62 -44.85
N GLU A 198 -6.19 -52.96 -43.96
CA GLU A 198 -5.66 -51.86 -43.14
C GLU A 198 -5.69 -52.15 -41.63
N ALA A 199 -4.70 -51.59 -40.93
CA ALA A 199 -4.69 -51.54 -39.48
C ALA A 199 -4.16 -50.19 -39.00
N THR A 200 -4.55 -49.78 -37.79
CA THR A 200 -4.00 -48.58 -37.17
C THR A 200 -2.79 -48.99 -36.34
N LEU A 201 -1.69 -48.26 -36.52
CA LEU A 201 -0.59 -48.33 -35.59
C LEU A 201 -0.67 -47.11 -34.70
N ARG A 202 -0.71 -47.35 -33.39
CA ARG A 202 -0.80 -46.27 -32.42
C ARG A 202 0.44 -46.23 -31.53
N CYS A 203 1.10 -45.08 -31.52
CA CYS A 203 2.34 -44.90 -30.78
C CYS A 203 2.06 -44.14 -29.49
N TRP A 204 2.45 -44.71 -28.36
CA TRP A 204 2.06 -44.18 -27.04
C TRP A 204 3.23 -43.58 -26.29
N ALA A 205 2.99 -42.42 -25.70
CA ALA A 205 3.93 -41.82 -24.76
C ALA A 205 3.19 -41.61 -23.44
N LEU A 206 3.72 -42.21 -22.37
CA LEU A 206 3.00 -42.26 -21.10
C LEU A 206 3.91 -41.91 -19.95
N GLY A 207 3.33 -41.20 -18.97
CA GLY A 207 4.00 -40.87 -17.73
C GLY A 207 5.19 -39.95 -17.87
N PHE A 208 5.06 -38.93 -18.72
CA PHE A 208 6.20 -38.05 -18.98
C PHE A 208 6.05 -36.66 -18.37
N TYR A 209 7.20 -36.05 -18.07
CA TYR A 209 7.25 -34.73 -17.50
C TYR A 209 8.56 -34.09 -17.92
N PRO A 210 8.51 -32.83 -18.43
CA PRO A 210 7.35 -31.95 -18.61
C PRO A 210 6.44 -32.32 -19.78
N ALA A 211 5.37 -31.53 -19.97
CA ALA A 211 4.36 -31.76 -21.02
C ALA A 211 4.87 -31.73 -22.47
N GLU A 212 5.82 -30.84 -22.75
CA GLU A 212 6.39 -30.68 -24.08
C GLU A 212 6.99 -31.99 -24.64
N ILE A 213 6.49 -32.42 -25.80
CA ILE A 213 6.89 -33.67 -26.42
C ILE A 213 6.62 -33.60 -27.92
N THR A 214 7.40 -34.33 -28.72
CA THR A 214 7.09 -34.46 -30.13
C THR A 214 7.00 -35.95 -30.50
N LEU A 215 5.86 -36.31 -31.09
CA LEU A 215 5.63 -37.66 -31.62
C LEU A 215 5.36 -37.57 -33.11
N THR A 216 6.11 -38.33 -33.90
CA THR A 216 5.89 -38.35 -35.35
C THR A 216 6.00 -39.76 -35.91
N TRP A 217 5.27 -40.00 -36.99
CA TRP A 217 5.35 -41.23 -37.74
C TRP A 217 6.14 -41.00 -39.03
N GLN A 218 7.01 -41.97 -39.34
CA GLN A 218 7.70 -42.02 -40.63
C GLN A 218 7.36 -43.30 -41.36
N ARG A 219 7.35 -43.22 -42.69
CA ARG A 219 7.28 -44.40 -43.55
C ARG A 219 8.50 -44.38 -44.47
N ASP A 220 9.25 -45.48 -44.46
CA ASP A 220 10.57 -45.57 -45.13
C ASP A 220 11.45 -44.36 -44.82
N GLY A 221 11.40 -43.88 -43.57
CA GLY A 221 12.21 -42.73 -43.15
C GLY A 221 11.76 -41.38 -43.68
N GLU A 222 10.58 -41.32 -44.27
CA GLU A 222 10.01 -40.06 -44.77
C GLU A 222 8.76 -39.70 -43.97
N ASP A 223 8.51 -38.40 -43.81
CA ASP A 223 7.48 -37.93 -42.89
C ASP A 223 6.06 -38.20 -43.37
N GLN A 224 5.13 -38.24 -42.43
CA GLN A 224 3.77 -38.70 -42.68
C GLN A 224 2.78 -37.76 -41.99
N THR A 225 3.02 -36.46 -42.10
CA THR A 225 2.30 -35.45 -41.34
C THR A 225 0.79 -35.39 -41.60
N GLN A 226 0.42 -35.34 -42.88
CA GLN A 226 -0.99 -35.25 -43.29
C GLN A 226 -1.78 -36.47 -42.83
N ASP A 227 -1.08 -37.58 -42.61
CA ASP A 227 -1.70 -38.88 -42.34
C ASP A 227 -1.64 -39.27 -40.86
N THR A 228 -0.99 -38.43 -40.05
CA THR A 228 -0.86 -38.70 -38.63
C THR A 228 -2.00 -38.09 -37.84
N GLU A 229 -2.71 -38.93 -37.09
CA GLU A 229 -3.70 -38.44 -36.13
C GLU A 229 -3.01 -38.22 -34.77
N LEU A 230 -2.95 -36.96 -34.35
CA LEU A 230 -2.39 -36.57 -33.06
C LEU A 230 -3.48 -36.19 -32.08
N VAL A 231 -3.44 -36.72 -30.86
CA VAL A 231 -4.32 -36.16 -29.82
C VAL A 231 -3.55 -35.13 -29.00
N GLU A 232 -4.29 -34.19 -28.42
CA GLU A 232 -3.68 -33.19 -27.57
C GLU A 232 -3.10 -33.84 -26.31
N THR A 233 -1.95 -33.34 -25.89
CA THR A 233 -1.30 -33.77 -24.65
C THR A 233 -2.28 -33.62 -23.48
N ARG A 234 -2.40 -34.66 -22.65
CA ARG A 234 -3.43 -34.72 -21.63
C ARG A 234 -2.83 -35.14 -20.27
N PRO A 235 -3.38 -34.64 -19.14
CA PRO A 235 -2.82 -35.04 -17.84
C PRO A 235 -3.13 -36.49 -17.46
N ALA A 236 -2.14 -37.21 -16.94
CA ALA A 236 -2.38 -38.55 -16.44
C ALA A 236 -3.22 -38.52 -15.16
N GLY A 237 -3.06 -37.46 -14.37
CA GLY A 237 -3.69 -37.35 -13.06
C GLY A 237 -2.67 -37.42 -11.92
N ASP A 238 -1.50 -38.01 -12.20
CA ASP A 238 -0.44 -38.15 -11.21
C ASP A 238 0.67 -37.13 -11.44
N ARG A 239 0.31 -35.99 -12.02
CA ARG A 239 1.26 -34.90 -12.37
C ARG A 239 2.11 -35.18 -13.62
N THR A 240 1.95 -36.36 -14.21
CA THR A 240 2.57 -36.66 -15.49
C THR A 240 1.57 -36.49 -16.63
N PHE A 241 2.06 -36.69 -17.86
CA PHE A 241 1.27 -36.44 -19.05
C PHE A 241 1.33 -37.60 -20.04
N GLN A 242 0.35 -37.60 -20.95
CA GLN A 242 0.20 -38.61 -21.98
C GLN A 242 -0.03 -37.98 -23.35
N LYS A 243 0.46 -38.68 -24.38
CA LYS A 243 0.13 -38.35 -25.76
C LYS A 243 0.21 -39.61 -26.63
N TRP A 244 -0.56 -39.65 -27.70
CA TRP A 244 -0.39 -40.67 -28.72
C TRP A 244 -0.55 -40.14 -30.15
N ALA A 245 0.05 -40.89 -31.08
CA ALA A 245 0.03 -40.58 -32.51
C ALA A 245 -0.30 -41.84 -33.27
N ALA A 246 -1.19 -41.71 -34.25
CA ALA A 246 -1.62 -42.88 -35.02
C ALA A 246 -1.56 -42.66 -36.53
N VAL A 247 -1.33 -43.75 -37.26
CA VAL A 247 -1.33 -43.74 -38.72
C VAL A 247 -1.97 -45.02 -39.24
N VAL A 248 -2.77 -44.91 -40.29
CA VAL A 248 -3.43 -46.07 -40.89
C VAL A 248 -2.53 -46.65 -41.99
N VAL A 249 -2.19 -47.93 -41.83
CA VAL A 249 -1.17 -48.60 -42.61
C VAL A 249 -1.67 -49.93 -43.20
N PRO A 250 -1.24 -50.27 -44.44
CA PRO A 250 -1.62 -51.54 -45.07
C PRO A 250 -1.01 -52.74 -44.36
N SER A 251 -1.77 -53.83 -44.29
CA SER A 251 -1.30 -55.07 -43.65
C SER A 251 -0.04 -55.63 -44.31
N GLY A 252 0.87 -56.13 -43.47
CA GLY A 252 2.14 -56.66 -43.93
C GLY A 252 3.21 -55.58 -44.03
N GLU A 253 2.76 -54.33 -44.21
CA GLU A 253 3.66 -53.19 -44.41
C GLU A 253 4.03 -52.47 -43.12
N GLU A 254 3.81 -53.12 -41.98
CA GLU A 254 4.01 -52.49 -40.67
C GLU A 254 5.46 -52.14 -40.35
N GLN A 255 6.41 -52.95 -40.82
CA GLN A 255 7.83 -52.75 -40.49
C GLN A 255 8.48 -51.53 -41.15
N ARG A 256 7.79 -50.91 -42.11
CA ARG A 256 8.30 -49.73 -42.79
C ARG A 256 7.96 -48.44 -42.07
N TYR A 257 7.10 -48.55 -41.06
CA TYR A 257 6.66 -47.43 -40.27
C TYR A 257 7.46 -47.34 -38.98
N THR A 258 7.98 -46.16 -38.69
CA THR A 258 8.67 -45.92 -37.44
C THR A 258 8.07 -44.72 -36.69
N CYS A 259 7.92 -44.87 -35.37
CA CYS A 259 7.49 -43.77 -34.51
C CYS A 259 8.69 -43.09 -33.87
N HIS A 260 8.69 -41.77 -33.88
CA HIS A 260 9.79 -41.01 -33.34
C HIS A 260 9.35 -40.12 -32.18
N VAL A 261 10.07 -40.26 -31.07
CA VAL A 261 9.76 -39.60 -29.81
C VAL A 261 10.91 -38.67 -29.43
N GLN A 262 10.58 -37.40 -29.23
CA GLN A 262 11.49 -36.41 -28.67
C GLN A 262 10.90 -35.88 -27.37
N HIS A 263 11.72 -35.87 -26.31
CA HIS A 263 11.38 -35.39 -25.00
C HIS A 263 12.68 -35.12 -24.26
N GLU A 264 12.72 -34.03 -23.49
CA GLU A 264 13.93 -33.62 -22.77
C GLU A 264 14.49 -34.67 -21.79
N GLY A 265 13.67 -35.66 -21.43
CA GLY A 265 14.04 -36.68 -20.46
C GLY A 265 14.69 -37.90 -21.08
N LEU A 266 14.55 -38.03 -22.39
CA LEU A 266 15.25 -39.07 -23.13
C LEU A 266 16.69 -38.61 -23.43
N PRO A 267 17.68 -39.50 -23.23
CA PRO A 267 19.06 -39.16 -23.64
C PRO A 267 19.13 -38.94 -25.15
N LYS A 268 18.56 -39.86 -25.93
CA LYS A 268 18.47 -39.71 -27.37
C LYS A 268 17.01 -39.86 -27.86
N PRO A 269 16.68 -39.22 -29.00
CA PRO A 269 15.38 -39.45 -29.66
C PRO A 269 15.11 -40.95 -29.87
N LEU A 270 13.92 -41.39 -29.52
CA LEU A 270 13.55 -42.79 -29.72
C LEU A 270 13.05 -43.05 -31.13
N THR A 271 13.24 -44.29 -31.58
CA THR A 271 12.70 -44.81 -32.82
C THR A 271 12.06 -46.14 -32.45
N LEU A 272 10.77 -46.26 -32.74
CA LEU A 272 10.00 -47.45 -32.35
C LEU A 272 9.22 -48.03 -33.51
N ARG A 273 9.17 -49.36 -33.57
CA ARG A 273 8.33 -50.08 -34.51
C ARG A 273 7.39 -50.96 -33.72
N TRP A 274 6.36 -51.49 -34.39
CA TRP A 274 5.54 -52.53 -33.81
C TRP A 274 6.30 -53.86 -33.93
N ILE B 1 -15.41 -15.45 -26.74
CA ILE B 1 -16.85 -15.24 -26.39
C ILE B 1 -17.51 -16.55 -25.91
N GLN B 2 -17.54 -17.54 -26.80
CA GLN B 2 -18.10 -18.86 -26.49
C GLN B 2 -17.30 -19.95 -27.21
N ARG B 3 -16.81 -20.92 -26.42
CA ARG B 3 -16.08 -22.06 -26.97
C ARG B 3 -16.64 -23.34 -26.38
N THR B 4 -16.80 -24.34 -27.24
CA THR B 4 -17.36 -25.62 -26.87
C THR B 4 -16.27 -26.57 -26.37
N PRO B 5 -16.56 -27.37 -25.33
CA PRO B 5 -15.56 -28.23 -24.70
C PRO B 5 -14.99 -29.31 -25.60
N LYS B 6 -13.67 -29.50 -25.55
CA LYS B 6 -13.06 -30.69 -26.13
C LYS B 6 -13.05 -31.78 -25.06
N ILE B 7 -13.14 -33.03 -25.47
CA ILE B 7 -13.24 -34.15 -24.53
C ILE B 7 -12.36 -35.35 -24.91
N GLN B 8 -11.62 -35.86 -23.92
CA GLN B 8 -10.90 -37.12 -24.04
C GLN B 8 -11.18 -37.97 -22.81
N VAL B 9 -11.58 -39.22 -23.02
CA VAL B 9 -11.79 -40.18 -21.94
C VAL B 9 -10.73 -41.25 -22.03
N TYR B 10 -10.04 -41.50 -20.92
CA TYR B 10 -8.90 -42.43 -20.91
C TYR B 10 -8.60 -42.91 -19.49
N SER B 11 -7.69 -43.86 -19.37
CA SER B 11 -7.23 -44.35 -18.08
C SER B 11 -5.84 -43.82 -17.77
N ARG B 12 -5.49 -43.76 -16.47
CA ARG B 12 -4.18 -43.29 -16.03
C ARG B 12 -3.05 -44.22 -16.50
N HIS B 13 -3.31 -45.53 -16.42
CA HIS B 13 -2.36 -46.55 -16.84
C HIS B 13 -3.03 -47.43 -17.89
N PRO B 14 -2.23 -48.14 -18.72
CA PRO B 14 -2.79 -49.11 -19.65
C PRO B 14 -3.75 -50.08 -18.95
N ALA B 15 -4.88 -50.35 -19.58
CA ALA B 15 -5.95 -51.09 -18.93
C ALA B 15 -5.65 -52.58 -18.83
N GLU B 16 -5.72 -53.09 -17.61
CA GLU B 16 -5.59 -54.51 -17.36
C GLU B 16 -6.81 -54.97 -16.58
N ASN B 17 -7.58 -55.89 -17.17
CA ASN B 17 -8.77 -56.43 -16.52
C ASN B 17 -8.42 -57.05 -15.17
N GLY B 18 -9.09 -56.60 -14.12
CA GLY B 18 -8.86 -57.10 -12.78
C GLY B 18 -7.94 -56.23 -11.93
N LYS B 19 -7.25 -55.30 -12.58
CA LYS B 19 -6.34 -54.39 -11.87
C LYS B 19 -6.94 -53.01 -11.64
N SER B 20 -6.44 -52.34 -10.60
CA SER B 20 -6.92 -51.03 -10.21
C SER B 20 -6.32 -49.96 -11.12
N ASN B 21 -7.15 -48.99 -11.51
CA ASN B 21 -6.71 -47.88 -12.38
C ASN B 21 -7.53 -46.63 -12.07
N PHE B 22 -7.24 -45.54 -12.79
CA PHE B 22 -8.04 -44.33 -12.72
C PHE B 22 -8.70 -44.03 -14.06
N LEU B 23 -9.93 -43.54 -14.02
CA LEU B 23 -10.68 -43.20 -15.23
C LEU B 23 -10.78 -41.69 -15.38
N ASN B 24 -10.13 -41.18 -16.42
CA ASN B 24 -10.04 -39.73 -16.65
C ASN B 24 -11.01 -39.20 -17.70
N CYS B 25 -11.53 -38.01 -17.43
CA CYS B 25 -12.23 -37.23 -18.43
C CYS B 25 -11.67 -35.81 -18.45
N TYR B 26 -10.80 -35.55 -19.42
CA TYR B 26 -10.17 -34.26 -19.61
C TYR B 26 -11.05 -33.37 -20.49
N VAL B 27 -11.64 -32.34 -19.89
CA VAL B 27 -12.49 -31.42 -20.65
C VAL B 27 -11.77 -30.07 -20.79
N SER B 28 -11.52 -29.66 -22.02
CA SER B 28 -10.63 -28.53 -22.28
C SER B 28 -11.16 -27.61 -23.35
N GLY B 29 -10.60 -26.41 -23.44
CA GLY B 29 -10.93 -25.47 -24.50
C GLY B 29 -12.28 -24.76 -24.44
N PHE B 30 -12.90 -24.68 -23.26
CA PHE B 30 -14.24 -24.09 -23.15
C PHE B 30 -14.34 -22.73 -22.47
N HIS B 31 -15.47 -22.05 -22.70
CA HIS B 31 -15.77 -20.72 -22.16
C HIS B 31 -17.26 -20.45 -22.42
N PRO B 32 -18.00 -19.99 -21.39
CA PRO B 32 -17.58 -19.68 -20.01
C PRO B 32 -17.29 -20.93 -19.16
N SER B 33 -17.04 -20.73 -17.86
CA SER B 33 -16.49 -21.78 -16.99
C SER B 33 -17.51 -22.79 -16.45
N ASP B 34 -18.77 -22.40 -16.41
CA ASP B 34 -19.84 -23.28 -15.93
C ASP B 34 -19.89 -24.54 -16.79
N ILE B 35 -19.71 -25.69 -16.16
CA ILE B 35 -19.69 -26.96 -16.88
C ILE B 35 -20.21 -28.08 -15.98
N GLU B 36 -20.84 -29.07 -16.58
CA GLU B 36 -21.34 -30.22 -15.84
C GLU B 36 -20.70 -31.46 -16.44
N VAL B 37 -19.90 -32.15 -15.63
CA VAL B 37 -19.20 -33.36 -16.08
C VAL B 37 -19.53 -34.53 -15.16
N ASP B 38 -20.01 -35.61 -15.75
CA ASP B 38 -20.25 -36.84 -15.01
C ASP B 38 -19.60 -38.03 -15.68
N LEU B 39 -19.03 -38.89 -14.86
CA LEU B 39 -18.52 -40.17 -15.32
C LEU B 39 -19.63 -41.24 -15.22
N LEU B 40 -19.67 -42.14 -16.20
CA LEU B 40 -20.71 -43.16 -16.24
C LEU B 40 -20.14 -44.57 -16.27
N LYS B 41 -20.82 -45.47 -15.57
CA LYS B 41 -20.57 -46.91 -15.64
C LYS B 41 -21.88 -47.63 -15.95
N ASN B 42 -21.95 -48.25 -17.13
CA ASN B 42 -23.17 -48.92 -17.60
C ASN B 42 -24.39 -48.00 -17.56
N GLY B 43 -24.25 -46.80 -18.14
CA GLY B 43 -25.30 -45.79 -18.13
C GLY B 43 -25.50 -45.10 -16.79
N GLU B 44 -24.96 -45.70 -15.73
CA GLU B 44 -25.15 -45.24 -14.35
C GLU B 44 -24.10 -44.21 -13.93
N ARG B 45 -24.54 -43.14 -13.27
CA ARG B 45 -23.65 -42.09 -12.78
C ARG B 45 -22.83 -42.53 -11.57
N ILE B 46 -21.51 -42.40 -11.68
CA ILE B 46 -20.58 -42.75 -10.59
C ILE B 46 -20.59 -41.63 -9.54
N GLU B 47 -20.52 -42.02 -8.27
CA GLU B 47 -20.71 -41.08 -7.15
C GLU B 47 -19.41 -40.45 -6.61
N LYS B 48 -18.38 -41.27 -6.38
CA LYS B 48 -17.11 -40.76 -5.85
C LYS B 48 -16.27 -40.19 -7.01
N VAL B 49 -16.63 -38.98 -7.45
CA VAL B 49 -15.93 -38.36 -8.59
C VAL B 49 -15.33 -37.01 -8.22
N GLU B 50 -14.01 -36.91 -8.35
CA GLU B 50 -13.30 -35.67 -8.07
C GLU B 50 -12.80 -35.00 -9.34
N HIS B 51 -12.31 -33.77 -9.18
CA HIS B 51 -11.76 -33.03 -10.31
C HIS B 51 -10.59 -32.15 -9.88
N SER B 52 -9.80 -31.72 -10.86
CA SER B 52 -8.70 -30.79 -10.61
C SER B 52 -9.21 -29.36 -10.47
N ASP B 53 -8.29 -28.45 -10.19
CA ASP B 53 -8.62 -27.05 -9.99
C ASP B 53 -8.74 -26.31 -11.30
N LEU B 54 -9.87 -25.63 -11.48
CA LEU B 54 -10.13 -24.83 -12.67
C LEU B 54 -8.90 -24.01 -13.04
N SER B 55 -8.41 -24.21 -14.25
CA SER B 55 -7.26 -23.48 -14.80
C SER B 55 -7.52 -23.15 -16.27
N PHE B 56 -6.66 -22.34 -16.90
CA PHE B 56 -6.86 -21.98 -18.30
C PHE B 56 -5.58 -21.87 -19.15
N SER B 57 -5.75 -22.09 -20.46
CA SER B 57 -4.68 -22.03 -21.45
C SER B 57 -4.40 -20.59 -21.90
N LYS B 58 -3.35 -20.39 -22.70
CA LYS B 58 -2.97 -19.05 -23.19
C LYS B 58 -4.10 -18.26 -23.88
N ASP B 59 -5.05 -18.98 -24.48
CA ASP B 59 -6.16 -18.40 -25.21
C ASP B 59 -7.38 -18.16 -24.32
N TRP B 60 -7.16 -18.22 -23.00
CA TRP B 60 -8.18 -17.99 -21.96
C TRP B 60 -9.22 -19.11 -21.79
N SER B 61 -9.17 -20.14 -22.62
CA SER B 61 -10.16 -21.21 -22.48
C SER B 61 -9.78 -22.17 -21.34
N PHE B 62 -10.81 -22.68 -20.68
CA PHE B 62 -10.67 -23.45 -19.44
C PHE B 62 -10.44 -24.94 -19.71
N TYR B 63 -9.68 -25.56 -18.82
CA TYR B 63 -9.60 -27.03 -18.77
C TYR B 63 -9.80 -27.61 -17.36
N LEU B 64 -10.16 -28.87 -17.31
CA LEU B 64 -10.48 -29.58 -16.07
C LEU B 64 -10.22 -31.06 -16.25
N LEU B 65 -9.69 -31.70 -15.22
CA LEU B 65 -9.58 -33.16 -15.20
C LEU B 65 -10.49 -33.75 -14.16
N TYR B 66 -11.44 -34.55 -14.63
CA TYR B 66 -12.31 -35.34 -13.77
C TYR B 66 -11.79 -36.77 -13.78
N TYR B 67 -11.89 -37.43 -12.63
CA TYR B 67 -11.32 -38.76 -12.47
C TYR B 67 -11.96 -39.51 -11.30
N THR B 68 -11.95 -40.84 -11.40
CA THR B 68 -12.38 -41.70 -10.31
C THR B 68 -11.56 -42.98 -10.33
N GLU B 69 -11.39 -43.59 -9.16
CA GLU B 69 -10.69 -44.86 -9.04
C GLU B 69 -11.64 -45.99 -9.44
N PHE B 70 -11.14 -46.91 -10.26
CA PHE B 70 -11.98 -47.98 -10.81
C PHE B 70 -11.17 -49.23 -11.21
N THR B 71 -11.86 -50.37 -11.26
CA THR B 71 -11.27 -51.62 -11.74
C THR B 71 -11.94 -52.08 -13.05
N PRO B 72 -11.21 -51.99 -14.17
CA PRO B 72 -11.77 -52.44 -15.44
C PRO B 72 -11.94 -53.97 -15.49
N THR B 73 -13.00 -54.40 -16.17
CA THR B 73 -13.22 -55.79 -16.51
C THR B 73 -13.42 -55.84 -18.01
N GLU B 74 -13.88 -56.97 -18.54
CA GLU B 74 -14.15 -57.09 -19.97
C GLU B 74 -15.63 -56.86 -20.31
N LYS B 75 -16.50 -56.89 -19.29
CA LYS B 75 -17.95 -56.77 -19.49
C LYS B 75 -18.53 -55.38 -19.22
N ASP B 76 -17.90 -54.62 -18.32
CA ASP B 76 -18.36 -53.29 -17.96
C ASP B 76 -17.90 -52.24 -18.97
N GLU B 77 -18.77 -51.26 -19.21
CA GLU B 77 -18.42 -50.16 -20.11
C GLU B 77 -18.54 -48.79 -19.46
N TYR B 78 -17.64 -47.90 -19.85
CA TYR B 78 -17.52 -46.59 -19.23
C TYR B 78 -17.71 -45.45 -20.24
N ALA B 79 -18.01 -44.27 -19.71
CA ALA B 79 -18.26 -43.10 -20.55
C ALA B 79 -18.09 -41.80 -19.77
N CYS B 80 -18.07 -40.70 -20.50
CA CYS B 80 -18.04 -39.36 -19.91
C CYS B 80 -19.18 -38.54 -20.51
N ARG B 81 -19.97 -37.91 -19.64
CA ARG B 81 -21.14 -37.11 -20.04
C ARG B 81 -20.93 -35.64 -19.70
N VAL B 82 -20.85 -34.81 -20.74
CA VAL B 82 -20.53 -33.39 -20.58
C VAL B 82 -21.71 -32.49 -21.02
N ASN B 83 -21.96 -31.43 -20.25
CA ASN B 83 -23.00 -30.44 -20.60
C ASN B 83 -22.50 -29.00 -20.37
N HIS B 84 -22.95 -28.08 -21.24
CA HIS B 84 -22.38 -26.73 -21.34
C HIS B 84 -23.30 -25.88 -22.21
N VAL B 85 -23.33 -24.56 -21.99
CA VAL B 85 -24.17 -23.66 -22.80
C VAL B 85 -23.98 -23.73 -24.31
N THR B 86 -22.77 -24.08 -24.75
CA THR B 86 -22.45 -24.16 -26.17
C THR B 86 -23.04 -25.43 -26.80
N LEU B 87 -23.64 -26.28 -25.99
CA LEU B 87 -24.12 -27.59 -26.45
C LEU B 87 -25.64 -27.69 -26.55
N SER B 88 -26.09 -28.40 -27.59
CA SER B 88 -27.51 -28.68 -27.82
C SER B 88 -28.09 -29.58 -26.72
N GLN B 89 -27.36 -30.67 -26.45
CA GLN B 89 -27.72 -31.64 -25.41
C GLN B 89 -26.42 -32.28 -24.90
N PRO B 90 -26.49 -33.08 -23.81
CA PRO B 90 -25.27 -33.70 -23.26
C PRO B 90 -24.51 -34.56 -24.26
N LYS B 91 -23.21 -34.32 -24.39
CA LYS B 91 -22.36 -35.15 -25.27
C LYS B 91 -21.74 -36.28 -24.45
N ILE B 92 -22.02 -37.50 -24.86
CA ILE B 92 -21.52 -38.70 -24.19
C ILE B 92 -20.36 -39.28 -24.99
N VAL B 93 -19.19 -39.36 -24.37
CA VAL B 93 -18.00 -39.92 -25.05
C VAL B 93 -17.55 -41.19 -24.35
N LYS B 94 -17.67 -42.31 -25.04
CA LYS B 94 -17.40 -43.62 -24.48
C LYS B 94 -15.91 -43.86 -24.21
N TRP B 95 -15.61 -44.59 -23.14
CA TRP B 95 -14.24 -44.97 -22.89
C TRP B 95 -13.86 -46.08 -23.85
N ASP B 96 -12.70 -45.93 -24.47
CA ASP B 96 -12.14 -46.92 -25.38
C ASP B 96 -10.73 -47.18 -24.88
N ARG B 97 -10.49 -48.41 -24.44
CA ARG B 97 -9.24 -48.75 -23.78
C ARG B 97 -8.03 -48.66 -24.71
N ASP B 98 -8.28 -48.46 -26.01
CA ASP B 98 -7.21 -48.32 -27.01
C ASP B 98 -6.99 -46.88 -27.48
N MET B 99 -7.54 -45.90 -26.75
CA MET B 99 -7.41 -44.49 -27.13
C MET B 99 -7.11 -43.55 -25.96
N LYS C 1 5.83 -17.00 -4.69
CA LYS C 1 4.57 -16.55 -4.05
C LYS C 1 3.81 -15.48 -4.87
N ALA C 2 2.55 -15.26 -4.49
CA ALA C 2 1.62 -14.45 -5.30
C ALA C 2 1.98 -12.97 -5.24
N PHE C 3 1.59 -12.24 -6.27
CA PHE C 3 1.82 -10.81 -6.32
C PHE C 3 0.87 -10.14 -5.34
N SER C 4 1.39 -9.21 -4.55
CA SER C 4 0.59 -8.53 -3.57
C SER C 4 0.72 -7.04 -3.82
N PRO C 5 -0.26 -6.47 -4.55
CA PRO C 5 -0.13 -5.10 -5.05
C PRO C 5 -0.27 -4.12 -3.93
N GLU C 6 0.57 -3.10 -3.92
CA GLU C 6 0.30 -1.92 -3.11
C GLU C 6 -0.94 -1.17 -3.64
N VAL C 7 -0.97 -0.94 -4.95
CA VAL C 7 -1.98 -0.14 -5.62
C VAL C 7 -2.89 -1.08 -6.39
N ILE C 8 -4.17 -1.16 -6.00
CA ILE C 8 -5.12 -2.07 -6.63
C ILE C 8 -5.08 -1.94 -8.17
N PRO C 9 -5.06 -3.07 -8.89
CA PRO C 9 -5.21 -2.87 -10.33
C PRO C 9 -6.70 -2.67 -10.65
N MET C 10 -7.23 -1.50 -10.32
CA MET C 10 -8.65 -1.22 -10.47
C MET C 10 -8.93 -0.76 -11.90
N PHE C 11 -9.97 -1.33 -12.51
CA PHE C 11 -10.30 -1.01 -13.90
C PHE C 11 -10.77 0.45 -14.03
N GLU D 1 3.93 -6.72 12.41
CA GLU D 1 4.95 -5.73 11.94
C GLU D 1 5.38 -4.77 13.05
N ASP D 2 6.67 -4.44 13.04
CA ASP D 2 7.30 -3.62 14.06
C ASP D 2 8.41 -2.80 13.38
N VAL D 3 8.23 -1.50 13.29
CA VAL D 3 9.24 -0.62 12.69
C VAL D 3 9.84 0.32 13.74
N GLU D 4 11.17 0.36 13.78
CA GLU D 4 11.84 1.13 14.81
C GLU D 4 12.73 2.18 14.17
N GLN D 5 12.62 3.39 14.68
CA GLN D 5 13.48 4.47 14.25
C GLN D 5 13.86 5.31 15.47
N SER D 6 15.09 5.83 15.44
CA SER D 6 15.59 6.78 16.43
C SER D 6 14.65 7.98 16.64
N LEU D 7 14.40 8.35 17.91
CA LEU D 7 13.69 9.60 18.23
C LEU D 7 14.60 10.80 17.94
N PHE D 8 15.81 10.73 18.51
CA PHE D 8 17.07 11.29 17.97
C PHE D 8 17.12 12.59 17.15
N LEU D 9 18.34 12.87 16.71
CA LEU D 9 18.67 13.67 15.51
C LEU D 9 18.66 15.19 15.53
N SER D 10 19.86 15.74 15.60
CA SER D 10 20.12 17.15 15.49
C SER D 10 21.37 17.37 14.66
N VAL D 11 21.25 18.10 13.55
CA VAL D 11 22.41 18.38 12.69
C VAL D 11 22.62 19.87 12.44
N ARG D 12 23.85 20.22 12.07
CA ARG D 12 24.17 21.59 11.70
C ARG D 12 23.72 21.86 10.26
N GLU D 13 23.28 23.09 9.99
CA GLU D 13 22.82 23.50 8.67
C GLU D 13 23.97 23.44 7.67
N GLY D 14 23.77 22.70 6.59
CA GLY D 14 24.81 22.52 5.58
C GLY D 14 25.42 21.13 5.64
N ASP D 15 25.39 20.52 6.81
CA ASP D 15 25.84 19.13 6.98
C ASP D 15 24.86 18.18 6.30
N SER D 16 25.15 16.88 6.39
CA SER D 16 24.27 15.88 5.84
C SER D 16 23.70 15.05 6.99
N SER D 17 22.39 14.87 6.98
CA SER D 17 21.77 14.04 8.00
C SER D 17 21.37 12.69 7.43
N VAL D 18 21.42 11.69 8.29
CA VAL D 18 20.95 10.36 7.97
C VAL D 18 19.95 9.95 9.04
N ILE D 19 18.80 9.44 8.61
CA ILE D 19 17.80 8.93 9.53
C ILE D 19 17.66 7.44 9.27
N ASN D 20 17.49 6.65 10.32
CA ASN D 20 17.49 5.20 10.22
C ASN D 20 16.18 4.52 10.55
N CYS D 21 15.97 3.34 9.96
CA CYS D 21 14.76 2.59 10.18
C CYS D 21 15.06 1.11 10.04
N THR D 22 14.46 0.31 10.89
CA THR D 22 14.45 -1.14 10.69
C THR D 22 13.03 -1.65 10.85
N TYR D 23 12.76 -2.74 10.17
CA TYR D 23 11.44 -3.38 10.18
C TYR D 23 11.70 -4.86 10.29
N THR D 24 10.70 -5.61 10.74
CA THR D 24 10.89 -7.01 11.10
C THR D 24 10.43 -8.02 10.06
N ASP D 25 9.46 -7.63 9.24
CA ASP D 25 8.81 -8.56 8.31
C ASP D 25 9.37 -8.55 6.88
N SER D 26 9.62 -9.76 6.37
CA SER D 26 10.15 -9.98 5.02
C SER D 26 9.15 -9.66 3.92
N SER D 27 7.87 -9.69 4.27
CA SER D 27 6.79 -9.36 3.36
C SER D 27 6.65 -7.86 3.06
N SER D 28 7.41 -7.04 3.77
CA SER D 28 7.39 -5.59 3.57
C SER D 28 8.15 -5.25 2.30
N THR D 29 7.41 -5.14 1.20
CA THR D 29 8.02 -4.89 -0.10
C THR D 29 7.85 -3.44 -0.58
N TYR D 30 7.08 -2.65 0.17
CA TYR D 30 6.88 -1.26 -0.18
C TYR D 30 7.29 -0.42 1.02
N LEU D 31 8.32 0.40 0.83
CA LEU D 31 8.91 1.14 1.93
C LEU D 31 8.95 2.63 1.62
N TYR D 32 8.64 3.44 2.63
CA TYR D 32 8.37 4.85 2.43
C TYR D 32 9.06 5.72 3.46
N TRP D 33 9.27 6.98 3.11
CA TRP D 33 9.54 8.05 4.08
C TRP D 33 8.51 9.19 3.92
N TYR D 34 8.02 9.69 5.05
CA TYR D 34 7.15 10.85 5.09
C TYR D 34 7.75 11.83 6.07
N LYS D 35 7.44 13.11 5.91
CA LYS D 35 7.77 14.08 6.94
C LYS D 35 6.54 14.84 7.35
N GLN D 36 6.51 15.24 8.61
CA GLN D 36 5.40 16.01 9.17
C GLN D 36 5.91 17.24 9.94
N GLU D 37 5.39 18.41 9.59
CA GLU D 37 5.51 19.59 10.44
C GLU D 37 4.51 19.39 11.57
N PRO D 38 4.90 19.64 12.83
CA PRO D 38 3.92 19.40 13.92
C PRO D 38 2.69 20.31 13.75
N GLY D 39 1.50 19.74 13.87
CA GLY D 39 0.26 20.50 13.63
C GLY D 39 -0.32 20.38 12.23
N ALA D 40 0.40 19.68 11.35
CA ALA D 40 -0.01 19.47 9.96
C ALA D 40 0.01 17.98 9.62
N GLY D 41 -0.24 17.66 8.36
CA GLY D 41 -0.26 16.28 7.90
C GLY D 41 1.08 15.77 7.40
N LEU D 42 1.19 14.45 7.34
CA LEU D 42 2.34 13.80 6.73
C LEU D 42 2.41 14.10 5.24
N GLN D 43 3.61 14.40 4.76
CA GLN D 43 3.86 14.54 3.33
C GLN D 43 4.80 13.43 2.84
N LEU D 44 4.38 12.73 1.78
CA LEU D 44 5.17 11.67 1.16
C LEU D 44 6.46 12.22 0.60
N LEU D 45 7.58 11.59 0.92
CA LEU D 45 8.86 12.00 0.38
C LEU D 45 9.36 10.96 -0.63
N THR D 46 9.56 9.73 -0.18
CA THR D 46 10.11 8.69 -1.04
C THR D 46 9.33 7.40 -0.89
N TYR D 47 9.39 6.58 -1.91
CA TYR D 47 8.96 5.21 -1.82
C TYR D 47 10.00 4.38 -2.56
N ILE D 48 10.14 3.11 -2.17
CA ILE D 48 11.07 2.20 -2.81
C ILE D 48 10.47 0.81 -2.73
N PHE D 49 10.72 -0.02 -3.74
CA PHE D 49 10.36 -1.43 -3.66
C PHE D 49 11.55 -2.23 -3.11
N SER D 50 11.27 -3.35 -2.43
CA SER D 50 12.30 -4.14 -1.70
C SER D 50 13.34 -4.74 -2.66
N ASN D 51 12.95 -4.69 -3.92
CA ASN D 51 13.74 -4.95 -5.10
C ASN D 51 15.04 -4.15 -5.23
N MET D 52 15.03 -2.92 -4.73
CA MET D 52 16.06 -1.93 -5.04
C MET D 52 17.00 -1.67 -3.88
N ASP D 53 18.27 -1.41 -4.22
CA ASP D 53 19.33 -1.13 -3.25
C ASP D 53 19.24 0.32 -2.80
N MET D 54 18.96 1.19 -3.78
CA MET D 54 18.99 2.62 -3.52
C MET D 54 18.07 3.37 -4.48
N LYS D 55 17.73 4.59 -4.10
CA LYS D 55 16.95 5.49 -4.94
C LYS D 55 17.29 6.93 -4.58
N GLN D 56 17.35 7.79 -5.58
CA GLN D 56 17.76 9.18 -5.39
C GLN D 56 16.80 10.16 -6.04
N ASP D 57 16.53 11.25 -5.33
CA ASP D 57 15.66 12.32 -5.80
C ASP D 57 16.17 13.63 -5.20
N GLN D 58 16.73 14.49 -6.06
CA GLN D 58 17.35 15.74 -5.62
C GLN D 58 18.27 15.54 -4.40
N ARG D 59 17.93 16.18 -3.29
CA ARG D 59 18.78 16.13 -2.09
C ARG D 59 18.55 14.90 -1.21
N LEU D 60 17.66 14.01 -1.65
CA LEU D 60 17.26 12.84 -0.87
C LEU D 60 17.82 11.56 -1.48
N THR D 61 18.40 10.71 -0.64
CA THR D 61 18.87 9.40 -1.05
C THR D 61 18.38 8.35 -0.07
N VAL D 62 17.69 7.32 -0.59
CA VAL D 62 17.25 6.22 0.27
C VAL D 62 18.01 4.94 -0.07
N LEU D 63 18.64 4.36 0.94
CA LEU D 63 19.30 3.08 0.79
C LEU D 63 18.49 2.02 1.54
N LEU D 64 18.48 0.81 0.99
CA LEU D 64 17.83 -0.31 1.63
C LEU D 64 18.75 -1.53 1.67
N ASN D 65 18.88 -2.08 2.87
CA ASN D 65 19.57 -3.34 3.06
C ASN D 65 18.49 -4.36 3.42
N LYS D 66 18.01 -5.04 2.39
CA LYS D 66 16.96 -6.04 2.52
C LYS D 66 17.39 -7.17 3.47
N LYS D 67 18.65 -7.58 3.38
CA LYS D 67 19.18 -8.60 4.27
C LYS D 67 19.10 -8.16 5.74
N ASP D 68 19.49 -6.90 5.99
CA ASP D 68 19.48 -6.36 7.34
C ASP D 68 18.14 -5.74 7.71
N LYS D 69 17.18 -5.80 6.78
CA LYS D 69 15.87 -5.19 6.98
C LYS D 69 16.05 -3.77 7.52
N HIS D 70 16.89 -3.00 6.82
CA HIS D 70 17.32 -1.71 7.29
C HIS D 70 17.15 -0.67 6.19
N LEU D 71 16.39 0.38 6.50
CA LEU D 71 16.06 1.46 5.56
C LEU D 71 16.60 2.76 6.11
N SER D 72 17.22 3.55 5.25
CA SER D 72 17.79 4.82 5.70
C SER D 72 17.44 5.93 4.73
N LEU D 73 17.40 7.15 5.26
CA LEU D 73 17.14 8.34 4.46
C LEU D 73 18.26 9.34 4.68
N ARG D 74 18.89 9.74 3.58
CA ARG D 74 19.97 10.71 3.65
C ARG D 74 19.49 12.02 3.07
N ILE D 75 19.54 13.07 3.87
CA ILE D 75 19.24 14.42 3.39
C ILE D 75 20.55 15.16 3.16
N ALA D 76 20.81 15.53 1.90
CA ALA D 76 22.01 16.24 1.52
C ALA D 76 21.85 17.74 1.74
N ASP D 77 22.91 18.36 2.27
CA ASP D 77 22.95 19.79 2.57
C ASP D 77 21.66 20.28 3.23
N THR D 78 21.43 19.81 4.45
CA THR D 78 20.23 20.16 5.21
C THR D 78 20.04 21.67 5.28
N GLN D 79 18.78 22.09 5.28
CA GLN D 79 18.42 23.49 5.40
C GLN D 79 17.51 23.66 6.62
N THR D 80 17.22 24.91 6.97
CA THR D 80 16.33 25.21 8.09
C THR D 80 14.94 24.59 7.89
N GLY D 81 14.43 24.66 6.66
CA GLY D 81 13.11 24.10 6.33
C GLY D 81 13.01 22.57 6.36
N ASP D 82 14.15 21.90 6.54
CA ASP D 82 14.17 20.45 6.69
C ASP D 82 13.76 19.99 8.09
N SER D 83 13.82 20.88 9.07
CA SER D 83 13.40 20.58 10.45
C SER D 83 11.94 20.10 10.52
N ALA D 84 11.76 18.87 10.99
CA ALA D 84 10.46 18.19 10.98
C ALA D 84 10.54 16.80 11.60
N ILE D 85 9.39 16.13 11.70
CA ILE D 85 9.34 14.75 12.14
C ILE D 85 9.40 13.89 10.88
N TYR D 86 10.27 12.88 10.88
CA TYR D 86 10.38 11.97 9.76
C TYR D 86 9.88 10.56 10.12
N PHE D 87 8.99 10.03 9.28
CA PHE D 87 8.37 8.73 9.51
C PHE D 87 8.76 7.78 8.40
N CYS D 88 9.40 6.66 8.73
CA CYS D 88 9.44 5.56 7.78
C CYS D 88 8.15 4.77 7.96
N ALA D 89 7.73 4.11 6.89
CA ALA D 89 6.51 3.34 6.90
C ALA D 89 6.77 2.16 5.98
N VAL D 90 6.16 1.02 6.25
CA VAL D 90 6.33 -0.16 5.41
C VAL D 90 4.98 -0.82 5.21
N SER D 91 4.82 -1.46 4.07
CA SER D 91 3.60 -2.15 3.71
C SER D 91 3.95 -3.45 3.00
N GLY D 92 3.08 -4.46 3.18
CA GLY D 92 3.14 -5.67 2.40
C GLY D 92 2.20 -5.63 1.21
N GLY D 93 1.45 -4.54 1.07
CA GLY D 93 0.49 -4.39 -0.02
C GLY D 93 -0.84 -3.81 0.46
N TYR D 94 -1.70 -3.43 -0.50
CA TYR D 94 -3.03 -2.88 -0.24
C TYR D 94 -3.00 -1.62 0.64
N GLN D 95 -1.84 -0.96 0.65
CA GLN D 95 -1.59 0.21 1.50
C GLN D 95 -1.81 -0.10 2.98
N LYS D 96 -1.71 -1.38 3.36
CA LYS D 96 -1.82 -1.77 4.77
C LYS D 96 -0.47 -1.51 5.44
N VAL D 97 -0.26 -0.26 5.78
CA VAL D 97 1.04 0.26 6.14
C VAL D 97 1.25 0.27 7.66
N THR D 98 2.50 0.06 8.09
CA THR D 98 2.89 0.29 9.46
C THR D 98 3.83 1.49 9.47
N PHE D 99 3.45 2.50 10.25
CA PHE D 99 4.28 3.68 10.42
C PHE D 99 5.16 3.48 11.61
N GLY D 100 6.39 3.95 11.50
CA GLY D 100 7.24 4.14 12.68
C GLY D 100 6.73 5.28 13.55
N ILE D 101 7.40 5.45 14.69
CA ILE D 101 7.05 6.43 15.70
C ILE D 101 7.47 7.83 15.25
N GLY D 102 8.48 7.89 14.36
CA GLY D 102 8.96 9.17 13.86
C GLY D 102 10.26 9.63 14.48
N THR D 103 11.11 10.26 13.67
CA THR D 103 12.36 10.87 14.12
C THR D 103 12.27 12.37 13.96
N LYS D 104 12.36 13.10 15.07
CA LYS D 104 12.36 14.55 15.02
C LYS D 104 13.74 15.03 14.59
N LEU D 105 13.79 15.75 13.48
CA LEU D 105 15.07 16.27 13.00
C LEU D 105 15.15 17.77 13.26
N GLN D 106 16.13 18.16 14.07
CA GLN D 106 16.42 19.57 14.34
C GLN D 106 17.62 20.08 13.54
N VAL D 107 17.40 21.12 12.73
CA VAL D 107 18.47 21.74 11.95
C VAL D 107 18.93 23.04 12.60
N ILE D 108 20.15 23.02 13.14
CA ILE D 108 20.78 24.15 13.82
C ILE D 108 21.38 25.14 12.80
N PRO D 109 20.87 26.38 12.78
CA PRO D 109 21.48 27.37 11.90
C PRO D 109 22.80 27.87 12.46
N ASN D 110 23.76 28.17 11.59
CA ASN D 110 25.02 28.74 12.03
C ASN D 110 24.83 30.25 12.22
N ILE D 111 24.94 30.72 13.45
CA ILE D 111 24.86 32.16 13.72
C ILE D 111 26.22 32.75 13.37
N GLN D 112 26.21 33.68 12.41
CA GLN D 112 27.42 34.24 11.84
C GLN D 112 28.27 34.99 12.87
N ASN D 113 27.69 36.05 13.42
CA ASN D 113 28.36 36.91 14.38
C ASN D 113 27.47 37.13 15.59
N PRO D 114 27.52 36.19 16.57
CA PRO D 114 26.65 36.23 17.74
C PRO D 114 26.91 37.46 18.59
N ASP D 115 25.83 38.07 19.10
CA ASP D 115 25.92 39.21 19.99
C ASP D 115 24.94 39.02 21.14
N PRO D 116 25.12 37.95 21.95
CA PRO D 116 24.12 37.61 22.97
C PRO D 116 23.83 38.74 23.97
N ALA D 117 22.56 39.13 24.05
CA ALA D 117 22.15 40.26 24.88
C ALA D 117 20.72 40.12 25.36
N VAL D 118 20.43 40.68 26.53
CA VAL D 118 19.08 40.73 27.08
C VAL D 118 18.58 42.17 26.97
N TYR D 119 17.38 42.34 26.42
CA TYR D 119 16.79 43.65 26.28
C TYR D 119 15.45 43.68 26.98
N GLN D 120 15.01 44.87 27.36
CA GLN D 120 13.68 45.05 27.95
C GLN D 120 12.77 45.80 26.98
N LEU D 121 11.59 45.23 26.74
CA LEU D 121 10.58 45.84 25.86
C LEU D 121 9.45 46.40 26.71
N ARG D 122 8.97 47.59 26.36
CA ARG D 122 7.84 48.20 27.08
C ARG D 122 6.51 47.85 26.40
N ASP D 123 5.44 47.80 27.19
CA ASP D 123 4.10 47.60 26.65
C ASP D 123 3.72 48.82 25.81
N SER D 124 3.20 48.57 24.61
CA SER D 124 2.64 49.63 23.76
C SER D 124 1.34 50.22 24.35
N LYS D 125 0.80 49.54 25.36
CA LYS D 125 -0.52 49.85 25.92
C LYS D 125 -0.44 50.27 27.40
N SER D 126 -0.51 49.29 28.30
CA SER D 126 -0.60 49.54 29.74
C SER D 126 0.78 49.78 30.39
N SER D 127 0.80 49.90 31.73
CA SER D 127 2.01 50.23 32.48
C SER D 127 2.63 49.02 33.22
N ASP D 128 3.92 48.77 32.94
CA ASP D 128 4.72 47.68 33.53
C ASP D 128 4.15 46.26 33.33
N LYS D 129 4.55 45.32 34.19
CA LYS D 129 4.40 43.85 33.98
C LYS D 129 4.80 43.36 32.58
N SER D 130 6.00 43.77 32.14
CA SER D 130 6.45 43.62 30.75
C SER D 130 7.46 42.48 30.50
N VAL D 131 8.04 42.48 29.30
CA VAL D 131 8.81 41.35 28.80
C VAL D 131 10.30 41.62 28.56
N CYS D 132 11.11 40.60 28.78
CA CYS D 132 12.53 40.66 28.51
C CYS D 132 12.81 39.74 27.33
N LEU D 133 13.75 40.14 26.49
CA LEU D 133 14.10 39.37 25.30
C LEU D 133 15.56 38.99 25.30
N PHE D 134 15.84 37.70 25.24
CA PHE D 134 17.20 37.22 25.14
C PHE D 134 17.39 36.80 23.70
N THR D 135 18.25 37.53 23.00
CA THR D 135 18.47 37.30 21.57
C THR D 135 19.94 37.35 21.14
N ASP D 136 20.19 36.81 19.94
CA ASP D 136 21.48 36.86 19.24
C ASP D 136 22.55 35.91 19.79
N PHE D 137 22.14 35.06 20.73
CA PHE D 137 22.99 33.98 21.20
C PHE D 137 23.14 32.90 20.13
N ASP D 138 24.27 32.19 20.17
CA ASP D 138 24.53 31.12 19.21
C ASP D 138 23.70 29.89 19.53
N SER D 139 23.77 28.90 18.64
CA SER D 139 22.85 27.77 18.67
C SER D 139 23.25 26.66 19.64
N GLN D 140 24.37 26.83 20.31
CA GLN D 140 24.78 25.90 21.37
C GLN D 140 24.07 26.22 22.68
N THR D 141 23.81 27.52 22.89
CA THR D 141 23.14 28.02 24.09
C THR D 141 21.84 27.30 24.39
N ASN D 142 21.63 26.96 25.67
CA ASN D 142 20.44 26.20 26.07
C ASN D 142 19.18 27.03 26.32
N VAL D 143 19.25 27.92 27.31
CA VAL D 143 18.07 28.67 27.82
C VAL D 143 17.14 27.72 28.57
N SER D 144 17.08 27.89 29.89
CA SER D 144 16.45 26.91 30.75
C SER D 144 15.08 27.30 31.26
N GLN D 145 14.30 26.30 31.64
CA GLN D 145 13.00 26.51 32.27
C GLN D 145 13.13 27.41 33.49
N SER D 146 12.01 27.99 33.90
CA SER D 146 12.01 29.00 34.94
C SER D 146 12.04 28.38 36.33
N LYS D 147 13.01 28.82 37.13
CA LYS D 147 13.11 28.51 38.55
C LYS D 147 11.78 28.84 39.26
N ASP D 148 11.45 30.12 39.25
CA ASP D 148 10.21 30.65 39.83
C ASP D 148 8.98 30.14 39.07
N SER D 149 7.83 30.07 39.74
CA SER D 149 6.59 29.60 39.12
C SER D 149 5.77 30.73 38.49
N ASP D 150 5.98 31.96 38.97
CA ASP D 150 5.28 33.13 38.43
C ASP D 150 6.14 33.88 37.40
N VAL D 151 7.18 33.19 36.92
CA VAL D 151 8.04 33.71 35.87
C VAL D 151 7.99 32.75 34.68
N TYR D 152 7.66 33.28 33.51
CA TYR D 152 7.56 32.46 32.31
C TYR D 152 8.71 32.75 31.36
N ILE D 153 9.42 31.70 30.95
CA ILE D 153 10.51 31.79 30.00
C ILE D 153 10.24 30.79 28.88
N THR D 154 10.37 31.23 27.64
CA THR D 154 10.06 30.38 26.49
C THR D 154 11.31 29.65 25.98
N ASP D 155 11.08 28.61 25.18
CA ASP D 155 12.16 28.00 24.41
C ASP D 155 12.79 28.98 23.43
N LYS D 156 14.01 28.69 22.98
CA LYS D 156 14.62 29.48 21.92
C LYS D 156 13.87 29.15 20.64
N CYS D 157 13.71 30.14 19.77
CA CYS D 157 13.24 29.81 18.44
C CYS D 157 13.89 30.67 17.38
N VAL D 158 13.92 30.14 16.16
CA VAL D 158 14.74 30.70 15.12
C VAL D 158 13.89 31.52 14.17
N LEU D 159 14.34 32.74 13.99
CA LEU D 159 13.65 33.73 13.22
C LEU D 159 14.50 34.05 11.99
N ASP D 160 13.87 34.01 10.83
CA ASP D 160 14.55 34.24 9.56
C ASP D 160 14.08 35.56 8.91
N MET D 161 14.95 36.57 8.95
CA MET D 161 14.72 37.84 8.24
C MET D 161 15.15 37.63 6.80
N ARG D 162 14.26 37.08 6.00
CA ARG D 162 14.62 36.59 4.67
C ARG D 162 15.16 37.66 3.72
N SER D 163 14.53 38.84 3.73
CA SER D 163 14.98 39.95 2.89
C SER D 163 16.44 40.31 3.13
N MET D 164 16.88 40.21 4.38
CA MET D 164 18.26 40.46 4.75
C MET D 164 19.10 39.19 4.74
N ASP D 165 18.47 38.03 4.54
CA ASP D 165 19.13 36.73 4.65
C ASP D 165 19.87 36.61 6.00
N PHE D 166 19.11 36.78 7.08
CA PHE D 166 19.66 36.83 8.43
C PHE D 166 18.80 36.05 9.42
N LYS D 167 19.41 35.02 10.00
CA LYS D 167 18.78 34.22 11.03
C LYS D 167 19.23 34.68 12.41
N SER D 168 18.37 34.50 13.41
CA SER D 168 18.75 34.77 14.81
C SER D 168 17.83 34.07 15.81
N ASN D 169 18.45 33.64 16.92
CA ASN D 169 17.74 33.01 18.03
C ASN D 169 17.19 34.04 19.01
N SER D 170 16.07 33.73 19.64
CA SER D 170 15.61 34.51 20.78
C SER D 170 14.73 33.73 21.73
N ALA D 171 14.68 34.19 22.97
CA ALA D 171 13.83 33.62 24.01
C ALA D 171 13.21 34.77 24.78
N VAL D 172 11.99 34.58 25.25
CA VAL D 172 11.23 35.67 25.84
C VAL D 172 10.91 35.28 27.27
N ALA D 173 11.05 36.25 28.19
CA ALA D 173 10.72 36.06 29.59
C ALA D 173 9.78 37.17 30.05
N TRP D 174 8.83 36.83 30.92
CA TRP D 174 7.96 37.81 31.57
C TRP D 174 7.47 37.35 32.94
N SER D 175 6.91 38.29 33.71
CA SER D 175 6.41 38.03 35.07
C SER D 175 5.52 39.16 35.59
N ASN D 176 4.61 38.82 36.51
CA ASN D 176 3.80 39.84 37.20
C ASN D 176 4.44 40.39 38.48
N LYS D 177 5.64 39.89 38.78
CA LYS D 177 6.42 40.35 39.93
C LYS D 177 7.08 41.70 39.62
N SER D 178 7.18 42.55 40.64
CA SER D 178 7.82 43.87 40.48
C SER D 178 9.29 43.80 40.87
N ASP D 179 9.62 42.88 41.78
CA ASP D 179 11.01 42.56 42.09
C ASP D 179 11.64 41.71 40.98
N PHE D 180 10.89 41.57 39.88
CA PHE D 180 11.38 40.93 38.66
C PHE D 180 11.96 42.01 37.75
N ALA D 181 13.27 41.93 37.53
CA ALA D 181 13.95 42.84 36.62
C ALA D 181 14.71 42.01 35.60
N CYS D 182 14.82 42.55 34.38
CA CYS D 182 15.43 41.83 33.26
C CYS D 182 16.91 41.51 33.48
N ALA D 183 17.56 42.30 34.33
CA ALA D 183 18.99 42.15 34.60
C ALA D 183 19.42 40.70 34.86
N ASN D 184 18.58 39.96 35.58
CA ASN D 184 18.89 38.57 35.94
C ASN D 184 17.73 37.61 35.67
N ALA D 185 16.87 38.00 34.74
CA ALA D 185 15.71 37.20 34.35
C ALA D 185 16.12 35.89 33.67
N PHE D 186 17.26 35.91 32.98
CA PHE D 186 17.79 34.74 32.27
C PHE D 186 18.99 34.11 32.99
N ASN D 187 19.56 34.83 33.94
CA ASN D 187 20.77 34.42 34.65
C ASN D 187 20.68 33.04 35.30
N ASN D 188 19.47 32.51 35.38
CA ASN D 188 19.20 31.25 36.08
C ASN D 188 19.65 29.98 35.31
N SER D 189 20.58 30.12 34.36
CA SER D 189 21.02 28.96 33.56
C SER D 189 22.51 28.94 33.09
N ILE D 190 22.80 27.93 32.23
CA ILE D 190 24.17 27.59 31.79
C ILE D 190 24.62 28.39 30.56
N ILE D 191 25.92 28.38 30.29
CA ILE D 191 26.58 28.89 29.05
C ILE D 191 26.44 30.44 28.85
N PRO D 192 26.72 30.99 27.63
CA PRO D 192 27.32 32.31 27.38
C PRO D 192 28.19 33.01 28.44
N GLU D 193 28.52 34.29 28.17
CA GLU D 193 29.43 35.07 29.01
C GLU D 193 28.74 35.80 30.17
N ASP D 194 27.82 36.72 29.86
CA ASP D 194 27.00 37.37 30.89
C ASP D 194 25.62 37.87 30.44
N THR D 195 25.41 39.18 30.36
CA THR D 195 24.03 39.70 30.25
C THR D 195 23.78 41.14 29.70
N PHE D 196 23.09 41.93 30.53
CA PHE D 196 22.28 43.12 30.18
C PHE D 196 22.90 44.21 29.29
N PHE D 197 22.02 45.01 28.68
CA PHE D 197 22.41 46.23 27.96
C PHE D 197 21.50 47.44 28.27
N PRO D 198 20.25 47.46 27.76
CA PRO D 198 19.38 48.63 27.57
C PRO D 198 19.82 49.99 28.14
N SER D 199 20.69 50.66 27.38
CA SER D 199 21.07 52.08 27.57
C SER D 199 21.44 52.52 28.99
N GLY E 1 -5.01 19.02 -1.97
CA GLY E 1 -5.96 17.94 -2.38
C GLY E 1 -7.01 17.59 -1.35
N ILE E 2 -6.62 17.50 -0.08
CA ILE E 2 -7.53 17.14 1.01
C ILE E 2 -7.64 18.28 2.01
N THR E 3 -8.87 18.61 2.36
CA THR E 3 -9.14 19.66 3.33
C THR E 3 -9.94 19.13 4.52
N GLN E 4 -9.44 19.43 5.71
CA GLN E 4 -10.08 19.07 6.97
C GLN E 4 -10.43 20.34 7.71
N SER E 5 -11.71 20.52 8.00
CA SER E 5 -12.15 21.70 8.75
C SER E 5 -13.23 21.37 9.78
N PRO E 6 -13.19 22.04 10.94
CA PRO E 6 -12.19 23.06 11.27
C PRO E 6 -10.89 22.45 11.78
N LYS E 7 -9.85 23.28 11.89
CA LYS E 7 -8.54 22.85 12.34
C LYS E 7 -8.53 22.44 13.82
N TYR E 8 -9.43 23.01 14.61
CA TYR E 8 -9.55 22.70 16.03
C TYR E 8 -11.01 22.49 16.39
N LEU E 9 -11.25 21.58 17.33
CA LEU E 9 -12.60 21.30 17.81
C LEU E 9 -12.59 21.10 19.30
N PHE E 10 -13.62 21.62 19.96
CA PHE E 10 -13.74 21.48 21.41
C PHE E 10 -15.12 21.00 21.83
N ARG E 11 -15.15 19.98 22.67
CA ARG E 11 -16.41 19.35 23.10
C ARG E 11 -16.37 18.90 24.57
N LYS E 12 -17.51 19.01 25.25
CA LYS E 12 -17.65 18.52 26.61
C LYS E 12 -17.66 16.98 26.60
N GLU E 13 -17.19 16.39 27.71
CA GLU E 13 -17.24 14.94 27.91
C GLU E 13 -18.64 14.38 27.66
N GLY E 14 -18.72 13.34 26.82
CA GLY E 14 -19.99 12.66 26.54
C GLY E 14 -20.90 13.43 25.58
N GLN E 15 -20.40 13.68 24.38
CA GLN E 15 -21.12 14.45 23.37
C GLN E 15 -20.59 14.10 21.99
N ASN E 16 -21.47 13.66 21.10
CA ASN E 16 -21.09 13.28 19.73
C ASN E 16 -20.54 14.44 18.91
N VAL E 17 -19.51 14.14 18.12
CA VAL E 17 -18.86 15.13 17.26
C VAL E 17 -18.39 14.47 15.96
N THR E 18 -18.73 15.09 14.84
CA THR E 18 -18.36 14.60 13.52
C THR E 18 -17.29 15.50 12.90
N LEU E 19 -16.16 14.90 12.53
CA LEU E 19 -15.05 15.64 11.92
C LEU E 19 -15.16 15.61 10.41
N SER E 20 -14.81 16.73 9.77
CA SER E 20 -14.99 16.85 8.33
C SER E 20 -13.72 16.55 7.55
N CYS E 21 -13.90 15.83 6.45
CA CYS E 21 -12.81 15.56 5.52
C CYS E 21 -13.28 15.56 4.07
N GLU E 22 -12.77 16.52 3.30
CA GLU E 22 -13.13 16.66 1.88
C GLU E 22 -11.92 16.53 0.97
N GLN E 23 -12.12 15.99 -0.23
CA GLN E 23 -11.05 15.83 -1.21
C GLN E 23 -11.45 16.20 -2.64
N ASN E 24 -10.48 16.75 -3.41
CA ASN E 24 -10.65 17.03 -4.84
C ASN E 24 -9.66 16.27 -5.73
N LEU E 25 -9.20 15.12 -5.25
CA LEU E 25 -8.15 14.33 -5.90
C LEU E 25 -8.71 13.13 -6.69
N ASN E 26 -9.99 12.88 -6.48
CA ASN E 26 -10.71 11.77 -7.13
C ASN E 26 -10.19 10.37 -6.76
N HIS E 27 -9.54 10.25 -5.60
CA HIS E 27 -9.07 8.95 -5.11
C HIS E 27 -10.24 8.10 -4.65
N ASP E 28 -10.09 6.79 -4.77
CA ASP E 28 -11.13 5.86 -4.35
C ASP E 28 -11.09 5.61 -2.85
N ALA E 29 -9.89 5.44 -2.29
CA ALA E 29 -9.73 5.03 -0.89
C ALA E 29 -9.41 6.19 0.04
N MET E 30 -10.07 6.20 1.20
CA MET E 30 -9.86 7.22 2.21
C MET E 30 -9.74 6.56 3.58
N TYR E 31 -9.06 7.23 4.50
CA TYR E 31 -8.65 6.64 5.76
C TYR E 31 -8.70 7.66 6.90
N TRP E 32 -8.96 7.16 8.11
CA TRP E 32 -8.92 7.98 9.30
C TRP E 32 -7.90 7.44 10.31
N TYR E 33 -7.00 8.33 10.76
CA TYR E 33 -5.95 7.98 11.70
C TYR E 33 -6.05 8.87 12.93
N ARG E 34 -5.41 8.46 14.03
CA ARG E 34 -5.17 9.36 15.14
C ARG E 34 -3.71 9.34 15.50
N GLN E 35 -3.26 10.43 16.11
CA GLN E 35 -1.87 10.61 16.48
C GLN E 35 -1.88 11.15 17.89
N ASP E 36 -1.13 10.49 18.77
CA ASP E 36 -1.03 10.85 20.19
C ASP E 36 0.43 10.87 20.58
N PRO E 37 0.80 11.68 21.59
CA PRO E 37 2.20 11.68 22.01
C PRO E 37 2.63 10.29 22.48
N GLY E 38 3.88 9.94 22.21
CA GLY E 38 4.42 8.63 22.60
C GLY E 38 3.70 7.49 21.92
N GLN E 39 3.10 7.81 20.78
CA GLN E 39 2.42 6.87 19.92
C GLN E 39 2.45 7.50 18.54
N GLY E 40 2.53 6.68 17.51
CA GLY E 40 2.55 7.19 16.15
C GLY E 40 1.14 7.29 15.60
N LEU E 41 0.95 6.68 14.43
CA LEU E 41 -0.33 6.72 13.76
C LEU E 41 -1.07 5.40 13.92
N ARG E 42 -2.24 5.48 14.55
CA ARG E 42 -3.13 4.34 14.73
C ARG E 42 -4.35 4.51 13.83
N LEU E 43 -4.61 3.52 12.99
CA LEU E 43 -5.79 3.50 12.12
C LEU E 43 -7.11 3.40 12.90
N ILE E 44 -8.15 4.05 12.41
CA ILE E 44 -9.48 4.04 13.04
C ILE E 44 -10.52 3.34 12.15
N TYR E 45 -10.60 3.78 10.89
CA TYR E 45 -11.55 3.27 9.91
C TYR E 45 -11.02 3.58 8.52
N TYR E 46 -11.44 2.80 7.53
CA TYR E 46 -11.06 3.05 6.14
C TYR E 46 -12.14 2.66 5.13
N SER E 47 -12.04 3.22 3.93
CA SER E 47 -13.05 3.05 2.90
C SER E 47 -12.40 3.02 1.53
N GLN E 48 -12.31 1.82 0.95
CA GLN E 48 -11.65 1.65 -0.35
C GLN E 48 -12.50 2.18 -1.50
N ILE E 49 -13.80 2.31 -1.26
CA ILE E 49 -14.76 2.67 -2.30
C ILE E 49 -16.09 3.14 -1.70
N VAL E 50 -16.82 3.95 -2.45
CA VAL E 50 -18.09 4.50 -1.99
C VAL E 50 -19.05 3.40 -1.52
N ASN E 51 -19.74 3.67 -0.41
CA ASN E 51 -20.72 2.77 0.22
C ASN E 51 -20.13 1.61 1.04
N ASP E 52 -18.80 1.59 1.14
CA ASP E 52 -18.09 0.55 1.87
C ASP E 52 -17.16 1.13 2.94
N PHE E 53 -17.36 0.71 4.18
CA PHE E 53 -16.45 1.07 5.27
C PHE E 53 -16.02 -0.13 6.12
N GLN E 54 -14.73 -0.17 6.42
CA GLN E 54 -14.16 -1.24 7.23
C GLN E 54 -13.46 -0.68 8.47
N LYS E 55 -13.66 -1.34 9.61
CA LYS E 55 -12.99 -1.00 10.85
C LYS E 55 -11.47 -1.08 10.67
N GLY E 56 -10.75 -0.14 11.30
CA GLY E 56 -9.29 -0.18 11.32
C GLY E 56 -8.83 -1.01 12.50
N ASP E 57 -7.91 -0.46 13.28
CA ASP E 57 -7.36 -1.16 14.44
C ASP E 57 -7.98 -0.67 15.75
N ILE E 58 -8.43 0.59 15.77
CA ILE E 58 -8.97 1.18 17.00
C ILE E 58 -10.31 1.92 16.78
N ALA E 59 -11.35 1.15 16.45
CA ALA E 59 -12.67 1.70 16.08
C ALA E 59 -13.62 1.84 17.25
N GLU E 60 -13.22 1.38 18.43
CA GLU E 60 -14.09 1.37 19.59
C GLU E 60 -14.64 2.76 19.90
N GLY E 61 -15.87 3.00 19.48
CA GLY E 61 -16.54 4.27 19.71
C GLY E 61 -16.55 5.23 18.53
N TYR E 62 -16.13 4.74 17.37
CA TYR E 62 -16.13 5.55 16.15
C TYR E 62 -17.11 4.99 15.13
N SER E 63 -17.64 5.88 14.30
CA SER E 63 -18.48 5.48 13.18
C SER E 63 -18.21 6.40 12.00
N VAL E 64 -18.25 5.84 10.80
CA VAL E 64 -18.01 6.60 9.57
C VAL E 64 -19.09 6.28 8.53
N SER E 65 -19.10 7.08 7.46
CA SER E 65 -19.93 6.78 6.30
C SER E 65 -19.25 7.27 5.03
N ARG E 66 -19.60 6.65 3.92
CA ARG E 66 -19.17 7.08 2.62
C ARG E 66 -20.39 6.93 1.71
N GLU E 67 -21.05 8.04 1.42
CA GLU E 67 -22.25 8.04 0.57
C GLU E 67 -21.93 8.63 -0.80
N LYS E 68 -21.01 9.57 -0.81
CA LYS E 68 -20.46 10.14 -2.04
C LYS E 68 -19.00 9.72 -2.11
N LYS E 69 -18.30 10.14 -3.16
CA LYS E 69 -16.84 10.08 -3.18
C LYS E 69 -16.40 11.25 -2.31
N GLU E 70 -15.35 11.97 -2.70
CA GLU E 70 -15.08 13.34 -2.19
C GLU E 70 -15.01 13.55 -0.66
N SER E 71 -15.78 12.77 0.10
CA SER E 71 -16.02 13.06 1.52
C SER E 71 -16.08 11.80 2.38
N PHE E 72 -15.51 11.89 3.58
CA PHE E 72 -15.44 10.76 4.50
C PHE E 72 -15.50 11.25 5.95
N PRO E 73 -16.71 11.54 6.46
CA PRO E 73 -16.83 12.12 7.79
C PRO E 73 -16.79 11.11 8.93
N LEU E 74 -15.88 11.32 9.87
CA LEU E 74 -15.74 10.50 11.06
C LEU E 74 -16.62 11.06 12.19
N THR E 75 -17.18 10.17 13.00
CA THR E 75 -17.94 10.57 14.18
C THR E 75 -17.35 9.96 15.44
N VAL E 76 -17.10 10.81 16.44
CA VAL E 76 -16.57 10.39 17.72
C VAL E 76 -17.69 10.40 18.76
N THR E 77 -18.03 9.22 19.28
CA THR E 77 -19.05 9.08 20.32
C THR E 77 -18.41 9.13 21.71
N SER E 78 -19.17 8.77 22.73
CA SER E 78 -18.61 8.51 24.06
C SER E 78 -17.76 7.24 23.96
N ALA E 79 -16.67 7.35 23.20
CA ALA E 79 -15.87 6.23 22.76
C ALA E 79 -15.02 5.67 23.90
N GLN E 80 -13.78 6.13 23.96
CA GLN E 80 -12.87 5.79 25.05
C GLN E 80 -12.98 6.89 26.08
N LYS E 81 -12.32 6.70 27.22
CA LYS E 81 -12.14 7.80 28.18
C LYS E 81 -11.00 8.71 27.72
N ASN E 82 -10.57 8.53 26.46
CA ASN E 82 -9.55 9.36 25.82
C ASN E 82 -9.82 9.61 24.32
N PRO E 83 -10.78 10.51 24.00
CA PRO E 83 -11.03 10.87 22.60
C PRO E 83 -10.24 12.10 22.16
N THR E 84 -9.43 12.63 23.07
CA THR E 84 -8.55 13.76 22.79
C THR E 84 -7.35 13.29 21.97
N ALA E 85 -7.28 13.75 20.73
CA ALA E 85 -6.20 13.36 19.81
C ALA E 85 -6.07 14.33 18.65
N PHE E 86 -5.10 14.06 17.79
CA PHE E 86 -4.93 14.75 16.53
C PHE E 86 -5.40 13.78 15.46
N TYR E 87 -6.36 14.21 14.65
CA TYR E 87 -7.00 13.33 13.70
C TYR E 87 -6.67 13.68 12.26
N LEU E 88 -6.15 12.70 11.53
CA LEU E 88 -5.66 12.93 10.19
C LEU E 88 -6.42 12.12 9.18
N CYS E 89 -7.00 12.79 8.19
CA CYS E 89 -7.73 12.14 7.12
C CYS E 89 -6.77 11.87 5.95
N ALA E 90 -6.92 10.72 5.30
CA ALA E 90 -5.95 10.31 4.27
C ALA E 90 -6.59 9.60 3.08
N SER E 91 -5.92 9.63 1.94
CA SER E 91 -6.45 8.96 0.74
C SER E 91 -5.33 8.35 -0.11
N THR E 92 -5.64 7.34 -0.91
CA THR E 92 -4.62 6.76 -1.78
C THR E 92 -4.98 6.73 -3.26
N GLY E 93 -4.03 7.21 -4.07
CA GLY E 93 -4.05 7.08 -5.52
C GLY E 93 -2.59 7.07 -5.95
N SER E 94 -2.10 5.90 -6.35
CA SER E 94 -0.66 5.61 -6.48
C SER E 94 0.04 5.33 -5.12
N TYR E 95 1.35 5.11 -5.14
CA TYR E 95 2.08 4.58 -4.00
C TYR E 95 2.13 5.58 -2.86
N GLY E 96 1.65 5.16 -1.69
CA GLY E 96 1.68 6.01 -0.51
C GLY E 96 0.38 6.77 -0.33
N TYR E 97 0.37 7.64 0.68
CA TYR E 97 -0.81 8.33 1.14
C TYR E 97 -0.73 9.84 0.90
N THR E 98 -1.88 10.43 0.62
CA THR E 98 -2.04 11.88 0.68
C THR E 98 -2.78 12.15 1.98
N PHE E 99 -2.31 13.14 2.74
CA PHE E 99 -2.91 13.47 4.02
C PHE E 99 -3.56 14.85 4.02
N GLY E 100 -4.65 14.99 4.77
CA GLY E 100 -5.18 16.30 5.12
C GLY E 100 -4.25 16.97 6.13
N SER E 101 -4.60 18.18 6.54
CA SER E 101 -3.75 18.94 7.46
C SER E 101 -4.10 18.67 8.92
N GLY E 102 -5.14 17.86 9.13
CA GLY E 102 -5.49 17.39 10.46
C GLY E 102 -6.38 18.30 11.30
N THR E 103 -7.11 17.67 12.21
CA THR E 103 -7.98 18.36 13.15
C THR E 103 -7.62 17.93 14.57
N ARG E 104 -7.52 18.92 15.46
CA ARG E 104 -7.27 18.63 16.86
C ARG E 104 -8.59 18.63 17.61
N LEU E 105 -8.89 17.49 18.26
CA LEU E 105 -10.02 17.39 19.16
C LEU E 105 -9.54 17.37 20.58
N THR E 106 -10.08 18.28 21.39
CA THR E 106 -9.84 18.28 22.81
C THR E 106 -11.18 18.09 23.51
N VAL E 107 -11.29 17.00 24.26
CA VAL E 107 -12.47 16.71 25.06
C VAL E 107 -12.16 16.93 26.54
N THR E 108 -12.97 17.77 27.18
CA THR E 108 -12.74 18.16 28.57
C THR E 108 -13.83 17.60 29.50
N GLU E 109 -13.49 17.55 30.79
CA GLU E 109 -14.44 17.14 31.82
C GLU E 109 -15.58 18.16 31.89
N ASP E 110 -15.23 19.45 31.93
CA ASP E 110 -16.23 20.51 31.98
C ASP E 110 -15.74 21.84 31.44
N LEU E 111 -16.69 22.65 30.97
CA LEU E 111 -16.40 23.91 30.27
C LEU E 111 -15.98 25.05 31.18
N LYS E 112 -16.00 24.82 32.49
CA LYS E 112 -15.66 25.85 33.49
C LYS E 112 -14.27 26.43 33.29
N ASN E 113 -13.48 25.76 32.45
CA ASN E 113 -12.05 26.01 32.28
C ASN E 113 -11.66 26.75 31.01
N VAL E 114 -12.61 26.91 30.09
CA VAL E 114 -12.37 27.56 28.80
C VAL E 114 -12.23 29.08 28.98
N PHE E 115 -11.22 29.66 28.33
CA PHE E 115 -10.92 31.08 28.45
C PHE E 115 -10.33 31.60 27.14
N PRO E 116 -10.71 32.81 26.71
CA PRO E 116 -10.04 33.34 25.53
C PRO E 116 -8.68 33.91 25.91
N PRO E 117 -7.76 34.05 24.93
CA PRO E 117 -6.46 34.65 25.19
C PRO E 117 -6.57 36.13 25.46
N GLU E 118 -5.59 36.69 26.16
CA GLU E 118 -5.40 38.13 26.24
C GLU E 118 -4.14 38.45 25.45
N VAL E 119 -4.20 39.48 24.62
CA VAL E 119 -3.16 39.71 23.66
C VAL E 119 -2.52 41.07 23.86
N ALA E 120 -1.18 41.10 23.87
CA ALA E 120 -0.45 42.33 24.08
C ALA E 120 0.82 42.40 23.23
N VAL E 121 1.05 43.55 22.60
CA VAL E 121 2.28 43.79 21.88
C VAL E 121 3.28 44.60 22.70
N PHE E 122 4.56 44.27 22.56
CA PHE E 122 5.61 44.93 23.30
C PHE E 122 6.59 45.49 22.29
N GLU E 123 6.82 46.78 22.40
CA GLU E 123 7.60 47.53 21.41
C GLU E 123 9.11 47.33 21.60
N PRO E 124 9.88 47.38 20.49
CA PRO E 124 11.33 47.13 20.54
C PRO E 124 12.07 48.04 21.51
N SER E 125 13.15 47.54 22.11
CA SER E 125 13.93 48.35 23.03
C SER E 125 14.87 49.25 22.25
N GLU E 126 14.98 50.50 22.70
CA GLU E 126 15.87 51.49 22.08
C GLU E 126 17.29 50.96 21.94
N ALA E 127 17.71 50.15 22.90
CA ALA E 127 19.05 49.57 22.91
C ALA E 127 19.29 48.58 21.78
N GLU E 128 18.36 47.64 21.57
CA GLU E 128 18.47 46.72 20.44
C GLU E 128 18.68 47.50 19.14
N ILE E 129 17.91 48.56 18.96
CA ILE E 129 18.01 49.40 17.79
C ILE E 129 19.42 49.98 17.65
N SER E 130 19.93 50.59 18.72
CA SER E 130 21.28 51.19 18.71
C SER E 130 22.40 50.15 18.60
N HIS E 131 22.21 48.99 19.23
CA HIS E 131 23.23 47.94 19.23
C HIS E 131 23.26 47.11 17.95
N THR E 132 22.09 46.87 17.34
CA THR E 132 21.99 45.95 16.19
C THR E 132 21.40 46.53 14.89
N GLN E 133 20.80 47.73 14.96
CA GLN E 133 20.00 48.29 13.84
C GLN E 133 18.85 47.38 13.40
N LYS E 134 18.43 46.50 14.30
CA LYS E 134 17.25 45.69 14.10
C LYS E 134 16.28 45.99 15.23
N ALA E 135 15.00 45.73 15.00
CA ALA E 135 13.97 45.94 16.01
C ALA E 135 13.10 44.70 16.15
N THR E 136 13.04 44.16 17.36
CA THR E 136 12.19 43.01 17.66
C THR E 136 10.95 43.41 18.43
N LEU E 137 9.77 43.13 17.84
CA LEU E 137 8.50 43.26 18.54
C LEU E 137 8.13 41.92 19.16
N VAL E 138 7.37 41.94 20.25
CA VAL E 138 6.93 40.69 20.88
C VAL E 138 5.44 40.72 21.16
N CYS E 139 4.77 39.62 20.86
CA CYS E 139 3.35 39.46 21.10
C CYS E 139 3.11 38.35 22.12
N LEU E 140 2.32 38.61 23.16
CA LEU E 140 1.93 37.60 24.13
C LEU E 140 0.44 37.31 24.14
N ALA E 141 0.11 36.04 23.96
CA ALA E 141 -1.25 35.59 24.11
C ALA E 141 -1.22 34.80 25.39
N THR E 142 -2.01 35.22 26.38
CA THR E 142 -1.96 34.63 27.73
C THR E 142 -3.35 34.25 28.22
N GLY E 143 -3.37 33.32 29.18
CA GLY E 143 -4.59 32.88 29.87
C GLY E 143 -5.58 32.06 29.07
N PHE E 144 -5.16 31.48 27.94
CA PHE E 144 -6.13 30.78 27.09
C PHE E 144 -6.26 29.28 27.37
N TYR E 145 -7.45 28.76 27.12
CA TYR E 145 -7.76 27.33 27.21
C TYR E 145 -9.02 27.04 26.40
N PRO E 146 -8.97 26.02 25.52
CA PRO E 146 -7.86 25.09 25.27
C PRO E 146 -6.75 25.70 24.42
N ASP E 147 -5.71 24.91 24.17
CA ASP E 147 -4.59 25.33 23.33
C ASP E 147 -4.97 25.28 21.85
N HIS E 148 -5.94 26.10 21.47
CA HIS E 148 -6.44 26.13 20.11
C HIS E 148 -6.37 27.54 19.60
N VAL E 149 -5.16 27.99 19.26
CA VAL E 149 -4.97 29.34 18.76
C VAL E 149 -4.17 29.31 17.48
N GLU E 150 -4.38 30.29 16.64
CA GLU E 150 -3.49 30.55 15.51
C GLU E 150 -3.10 31.99 15.64
N LEU E 151 -1.80 32.23 15.77
CA LEU E 151 -1.25 33.56 15.93
C LEU E 151 -0.68 34.02 14.62
N SER E 152 -1.01 35.24 14.22
CA SER E 152 -0.43 35.79 13.00
C SER E 152 -0.04 37.25 13.19
N TRP E 153 0.95 37.69 12.40
CA TRP E 153 1.41 39.07 12.39
C TRP E 153 0.96 39.76 11.11
N TRP E 154 0.51 41.01 11.23
CA TRP E 154 -0.02 41.77 10.09
C TRP E 154 0.68 43.12 10.00
N VAL E 155 1.41 43.35 8.91
CA VAL E 155 2.07 44.64 8.68
C VAL E 155 1.32 45.43 7.61
N ASN E 156 0.89 46.64 7.98
CA ASN E 156 0.08 47.50 7.11
C ASN E 156 -1.09 46.77 6.44
N GLY E 157 -1.73 45.88 7.20
CA GLY E 157 -2.95 45.21 6.75
C GLY E 157 -2.76 43.94 5.95
N LYS E 158 -1.52 43.46 5.85
CA LYS E 158 -1.29 42.17 5.20
C LYS E 158 -0.37 41.26 6.03
N GLU E 159 -0.70 39.97 6.07
CA GLU E 159 -0.01 39.00 6.90
C GLU E 159 1.44 38.82 6.45
N VAL E 160 2.37 38.83 7.40
CA VAL E 160 3.78 38.60 7.09
C VAL E 160 4.23 37.23 7.56
N HIS E 161 5.21 36.66 6.88
CA HIS E 161 5.77 35.37 7.26
C HIS E 161 7.26 35.47 7.53
N SER E 162 7.92 36.36 6.79
CA SER E 162 9.34 36.65 7.02
C SER E 162 9.54 37.44 8.31
N GLY E 163 10.63 37.13 9.02
CA GLY E 163 11.00 37.88 10.21
C GLY E 163 10.24 37.50 11.47
N VAL E 164 9.44 36.44 11.36
CA VAL E 164 8.54 36.02 12.43
C VAL E 164 8.97 34.68 13.02
N CYS E 165 8.98 34.60 14.35
CA CYS E 165 9.10 33.32 15.01
C CYS E 165 8.06 33.21 16.12
N THR E 166 7.25 32.15 16.07
CA THR E 166 6.21 31.91 17.09
C THR E 166 6.55 30.62 17.83
N ASP E 167 6.44 30.62 19.16
CA ASP E 167 6.78 29.42 19.95
C ASP E 167 6.11 28.21 19.31
N PRO E 168 6.88 27.14 19.05
CA PRO E 168 6.33 25.87 18.58
C PRO E 168 5.42 25.29 19.67
N GLN E 169 5.79 25.54 20.92
CA GLN E 169 5.01 25.06 22.05
C GLN E 169 4.54 26.18 22.98
N PRO E 170 3.25 26.17 23.36
CA PRO E 170 2.71 27.02 24.42
C PRO E 170 3.32 26.72 25.79
N LEU E 171 3.36 27.71 26.67
CA LEU E 171 3.71 27.45 28.07
C LEU E 171 2.42 27.22 28.87
N LYS E 172 2.46 26.24 29.76
CA LYS E 172 1.38 26.04 30.72
C LYS E 172 1.56 27.01 31.88
N GLU E 173 0.53 27.80 32.16
CA GLU E 173 0.50 28.65 33.36
C GLU E 173 0.83 27.87 34.63
N GLN E 174 0.28 26.66 34.73
CA GLN E 174 0.60 25.75 35.84
C GLN E 174 0.78 24.31 35.34
N PRO E 175 2.01 23.94 34.98
CA PRO E 175 2.38 22.69 34.29
C PRO E 175 1.93 21.38 34.95
N ALA E 176 1.62 21.40 36.23
CA ALA E 176 1.15 20.20 36.93
C ALA E 176 -0.32 19.91 36.61
N LEU E 177 -1.12 20.96 36.46
CA LEU E 177 -2.55 20.81 36.20
C LEU E 177 -2.82 20.29 34.79
N ASN E 178 -3.76 19.35 34.73
CA ASN E 178 -4.29 18.80 33.49
C ASN E 178 -4.93 19.87 32.60
N ASP E 179 -5.72 20.75 33.21
CA ASP E 179 -6.52 21.75 32.50
C ASP E 179 -5.98 23.18 32.68
N SER E 180 -4.67 23.28 32.82
CA SER E 180 -3.98 24.56 32.92
C SER E 180 -4.30 25.49 31.73
N ARG E 181 -4.31 26.79 32.00
CA ARG E 181 -4.41 27.76 30.94
C ARG E 181 -3.03 27.91 30.29
N TYR E 182 -3.00 28.49 29.09
CA TYR E 182 -1.79 28.54 28.26
C TYR E 182 -1.29 29.95 27.96
N SER E 183 0.01 30.06 27.69
CA SER E 183 0.60 31.30 27.20
C SER E 183 1.44 30.98 25.98
N LEU E 184 1.43 31.88 25.01
CA LEU E 184 2.21 31.73 23.80
C LEU E 184 2.82 33.07 23.43
N SER E 185 4.09 33.07 23.06
CA SER E 185 4.76 34.27 22.58
C SER E 185 5.17 34.16 21.12
N SER E 186 5.26 35.32 20.48
CA SER E 186 5.75 35.45 19.12
C SER E 186 6.64 36.66 19.01
N ARG E 187 7.56 36.61 18.06
CA ARG E 187 8.50 37.67 17.75
C ARG E 187 8.33 38.08 16.28
N LEU E 188 8.37 39.38 16.03
CA LEU E 188 8.54 39.89 14.68
C LEU E 188 9.73 40.83 14.67
N ARG E 189 10.76 40.49 13.89
CA ARG E 189 11.95 41.31 13.83
C ARG E 189 12.10 42.00 12.50
N VAL E 190 12.22 43.31 12.55
CA VAL E 190 12.38 44.11 11.34
C VAL E 190 13.63 44.97 11.44
N SER E 191 13.96 45.68 10.36
CA SER E 191 15.09 46.60 10.37
C SER E 191 14.75 47.76 11.29
N ALA E 192 15.78 48.36 11.88
CA ALA E 192 15.58 49.55 12.73
C ALA E 192 14.80 50.62 11.96
N THR E 193 15.24 50.90 10.72
CA THR E 193 14.62 51.92 9.90
C THR E 193 13.15 51.63 9.58
N PHE E 194 12.77 50.36 9.50
CA PHE E 194 11.38 50.00 9.23
C PHE E 194 10.49 50.30 10.43
N TRP E 195 10.96 49.93 11.63
CA TRP E 195 10.24 50.27 12.86
C TRP E 195 10.20 51.77 13.13
N GLN E 196 11.25 52.47 12.73
CA GLN E 196 11.35 53.93 12.95
C GLN E 196 10.42 54.73 12.03
N ASN E 197 9.90 54.08 10.99
CA ASN E 197 8.92 54.68 10.08
C ASN E 197 7.53 54.69 10.74
N PRO E 198 7.03 55.90 11.11
CA PRO E 198 5.78 56.00 11.87
C PRO E 198 4.50 55.77 11.07
N ARG E 199 4.63 55.48 9.77
CA ARG E 199 3.45 55.15 8.96
C ARG E 199 3.22 53.64 8.87
N ASN E 200 4.18 52.86 9.36
CA ASN E 200 4.06 51.41 9.42
C ASN E 200 3.22 50.94 10.60
N HIS E 201 2.22 50.12 10.30
CA HIS E 201 1.29 49.60 11.31
C HIS E 201 1.62 48.15 11.63
N PHE E 202 1.60 47.80 12.91
CA PHE E 202 1.93 46.43 13.33
C PHE E 202 0.84 45.82 14.20
N ARG E 203 0.22 44.76 13.70
CA ARG E 203 -0.86 44.08 14.43
C ARG E 203 -0.52 42.61 14.65
N CYS E 204 -0.63 42.18 15.89
CA CYS E 204 -0.56 40.78 16.26
C CYS E 204 -1.97 40.25 16.45
N GLN E 205 -2.30 39.18 15.74
CA GLN E 205 -3.66 38.66 15.72
C GLN E 205 -3.72 37.23 16.20
N VAL E 206 -4.65 36.93 17.10
CA VAL E 206 -4.80 35.57 17.60
C VAL E 206 -6.21 35.03 17.38
N GLN E 207 -6.35 34.12 16.43
CA GLN E 207 -7.61 33.41 16.26
C GLN E 207 -7.76 32.37 17.36
N PHE E 208 -8.82 32.49 18.14
CA PHE E 208 -9.12 31.52 19.19
C PHE E 208 -10.32 30.69 18.78
N THR E 209 -10.23 29.38 18.97
CA THR E 209 -11.36 28.51 18.68
C THR E 209 -11.91 27.97 19.99
N GLY E 210 -13.02 28.56 20.43
CA GLY E 210 -13.61 28.23 21.72
C GLY E 210 -14.98 27.60 21.61
N SER E 211 -15.95 28.18 22.31
CA SER E 211 -17.32 27.67 22.38
C SER E 211 -18.19 28.15 21.21
N ARG E 212 -19.24 27.38 20.92
CA ARG E 212 -20.23 27.76 19.92
C ARG E 212 -21.56 28.17 20.57
N ARG E 213 -22.54 28.50 19.72
CA ARG E 213 -23.89 28.87 20.15
C ARG E 213 -24.46 27.84 21.12
N MET E 214 -24.68 26.61 20.64
CA MET E 214 -25.33 25.57 21.44
C MET E 214 -24.39 24.82 22.40
N THR E 215 -23.54 25.57 23.11
CA THR E 215 -22.81 25.05 24.25
C THR E 215 -23.21 25.90 25.47
N SER E 216 -23.62 25.25 26.54
CA SER E 216 -24.17 25.95 27.72
C SER E 216 -23.08 26.57 28.60
N GLY E 217 -23.25 27.85 28.94
CA GLY E 217 -22.34 28.57 29.83
C GLY E 217 -23.06 29.33 30.93
N PRO E 218 -22.90 28.89 32.21
CA PRO E 218 -23.53 29.50 33.39
C PRO E 218 -22.67 30.49 34.21
N ARG E 219 -21.37 30.52 33.93
CA ARG E 219 -20.43 31.45 34.57
C ARG E 219 -20.82 32.92 34.27
N ILE E 220 -20.62 33.81 35.24
CA ILE E 220 -21.00 35.22 35.03
C ILE E 220 -20.04 35.98 34.10
N GLY E 221 -18.79 35.50 33.98
CA GLY E 221 -17.85 36.00 32.96
C GLY E 221 -18.34 35.69 31.55
N PRO E 222 -17.94 36.51 30.56
CA PRO E 222 -18.41 36.34 29.17
C PRO E 222 -18.06 34.98 28.61
N LYS E 223 -18.90 34.47 27.71
CA LYS E 223 -18.69 33.10 27.25
C LYS E 223 -17.49 33.01 26.28
N PRO E 224 -16.52 32.15 26.63
CA PRO E 224 -15.26 32.06 25.90
C PRO E 224 -15.46 31.42 24.53
N VAL E 225 -15.91 32.24 23.58
CA VAL E 225 -16.32 31.79 22.24
C VAL E 225 -15.21 31.90 21.22
N THR E 226 -15.39 31.18 20.11
CA THR E 226 -14.52 31.34 18.96
C THR E 226 -14.48 32.82 18.59
N GLN E 227 -13.27 33.38 18.57
CA GLN E 227 -13.09 34.82 18.37
C GLN E 227 -11.66 35.17 18.01
N ILE E 228 -11.48 36.36 17.43
CA ILE E 228 -10.17 36.93 17.18
C ILE E 228 -9.88 38.01 18.23
N VAL E 229 -8.69 37.94 18.81
CA VAL E 229 -8.22 38.96 19.74
C VAL E 229 -6.93 39.55 19.16
N SER E 230 -6.81 40.87 19.17
CA SER E 230 -5.67 41.56 18.58
C SER E 230 -5.05 42.62 19.48
N ALA E 231 -3.80 42.97 19.17
CA ALA E 231 -3.11 44.10 19.79
C ALA E 231 -2.22 44.71 18.71
N GLU E 232 -1.99 46.02 18.79
CA GLU E 232 -1.32 46.71 17.72
C GLU E 232 -0.31 47.76 18.17
N ALA E 233 0.53 48.20 17.23
CA ALA E 233 1.44 49.31 17.44
C ALA E 233 1.74 50.02 16.13
N TRP E 234 2.01 51.31 16.22
CA TRP E 234 2.53 52.07 15.09
C TRP E 234 4.02 52.29 15.31
N GLY E 235 4.74 52.51 14.22
CA GLY E 235 6.16 52.83 14.27
C GLY E 235 6.46 54.08 15.10
N ARG E 236 7.62 54.09 15.73
CA ARG E 236 8.06 55.22 16.55
C ARG E 236 9.32 55.88 15.95
N ALA E 237 9.14 57.11 15.47
CA ALA E 237 10.25 57.92 14.96
C ALA E 237 11.17 58.34 16.11
N ASP E 238 12.34 57.71 16.17
CA ASP E 238 13.37 57.94 17.20
C ASP E 238 12.86 57.90 18.64
#